data_1AV1
#
_entry.id   1AV1
#
_cell.length_a   97.470
_cell.length_b   113.870
_cell.length_c   196.190
_cell.angle_alpha   90.00
_cell.angle_beta   90.00
_cell.angle_gamma   90.00
#
_symmetry.space_group_name_H-M   'P 21 21 21'
#
_entity_poly.entity_id   1
_entity_poly.type   'polypeptide(L)'
_entity_poly.pdbx_seq_one_letter_code
;MLKLLDNWDSVTSTFSKLREQLGPVTQEFWDNLEKETEGLRQEMSKDLEEVKAKVQPYLDDFQKKWQEEMELYRQKVEPL
RAELQEGARQKLHELQEKLSPLGEEMRDRARAHVDALRTHLAPYSDELRQRLAARLEALKENGGARLAEYHAKATEHLST
LSEKAKPALEDLRQGLLPVLESFKVSFLSALEEYTKKLNTQ
;
_entity_poly.pdbx_strand_id   A,B,C,D
#
# COMPACT_ATOMS: atom_id res chain seq x y z
N MET A 1 -9.59 45.75 7.54
CA MET A 1 -9.05 44.55 8.26
C MET A 1 -7.73 44.09 7.65
N LEU A 2 -6.64 44.77 8.01
CA LEU A 2 -5.32 44.45 7.48
C LEU A 2 -4.90 43.01 7.62
N LYS A 3 -4.82 42.34 6.48
CA LYS A 3 -4.41 40.96 6.47
C LYS A 3 -2.91 40.88 6.48
N LEU A 4 -2.35 40.95 7.67
CA LEU A 4 -0.91 40.89 7.86
C LEU A 4 -0.54 39.41 7.89
N LEU A 5 -1.58 38.59 7.96
CA LEU A 5 -1.50 37.14 7.99
C LEU A 5 -0.83 36.56 6.75
N ASP A 6 -0.31 37.44 5.91
CA ASP A 6 0.38 37.04 4.70
C ASP A 6 1.82 36.73 5.07
N ASN A 7 2.04 36.48 6.36
CA ASN A 7 3.37 36.16 6.84
C ASN A 7 4.01 35.08 5.96
N TRP A 8 3.18 34.42 5.16
CA TRP A 8 3.67 33.42 4.22
C TRP A 8 4.38 34.21 3.13
N ASP A 9 3.70 35.21 2.55
CA ASP A 9 4.26 36.06 1.50
C ASP A 9 5.67 36.49 1.84
N SER A 10 5.85 36.88 3.10
CA SER A 10 7.14 37.31 3.58
C SER A 10 8.17 36.20 3.52
N VAL A 11 7.79 35.01 3.98
CA VAL A 11 8.72 33.90 3.99
C VAL A 11 8.91 33.18 2.66
N THR A 12 7.81 32.89 1.99
CA THR A 12 7.82 32.19 0.70
C THR A 12 8.74 32.82 -0.32
N SER A 13 8.39 34.03 -0.77
CA SER A 13 9.16 34.77 -1.76
C SER A 13 10.65 34.90 -1.41
N THR A 14 10.93 34.79 -0.12
CA THR A 14 12.30 34.91 0.37
C THR A 14 13.04 33.59 0.53
N PHE A 15 12.57 32.80 1.47
CA PHE A 15 13.16 31.52 1.81
C PHE A 15 12.94 30.42 0.79
N SER A 16 11.69 30.17 0.44
CA SER A 16 11.35 29.10 -0.50
C SER A 16 12.12 29.15 -1.82
N LYS A 17 12.28 30.33 -2.39
CA LYS A 17 12.99 30.45 -3.67
C LYS A 17 14.40 29.88 -3.60
N LEU A 18 15.17 30.32 -2.61
CA LEU A 18 16.54 29.87 -2.49
C LEU A 18 16.69 28.36 -2.46
N ARG A 19 15.73 27.68 -1.84
CA ARG A 19 15.76 26.22 -1.74
C ARG A 19 15.33 25.50 -3.02
N GLU A 20 14.12 25.78 -3.47
CA GLU A 20 13.57 25.17 -4.67
C GLU A 20 14.40 25.53 -5.90
N GLN A 21 14.92 26.76 -5.91
CA GLN A 21 15.73 27.22 -7.02
C GLN A 21 17.17 26.71 -6.96
N LEU A 22 17.53 26.09 -5.84
CA LEU A 22 18.87 25.54 -5.73
C LEU A 22 18.86 24.06 -6.07
N GLY A 23 17.76 23.65 -6.67
CA GLY A 23 17.59 22.27 -7.12
C GLY A 23 18.48 21.95 -8.29
N PRO A 24 18.97 22.94 -9.09
CA PRO A 24 19.85 22.65 -10.22
C PRO A 24 21.11 21.91 -9.79
N VAL A 25 21.25 21.73 -8.48
CA VAL A 25 22.37 21.02 -7.89
C VAL A 25 22.47 19.58 -8.43
N THR A 26 21.48 18.75 -8.13
CA THR A 26 21.46 17.36 -8.58
C THR A 26 21.40 17.30 -10.11
N GLN A 27 20.86 18.36 -10.69
CA GLN A 27 20.73 18.49 -12.13
C GLN A 27 22.14 18.52 -12.74
N GLU A 28 22.81 19.66 -12.58
CA GLU A 28 24.15 19.84 -13.13
C GLU A 28 25.20 18.93 -12.53
N PHE A 29 25.07 18.61 -11.24
CA PHE A 29 26.03 17.75 -10.61
C PHE A 29 25.72 16.28 -10.82
N TRP A 30 24.82 15.75 -10.00
CA TRP A 30 24.45 14.36 -10.03
C TRP A 30 24.33 13.76 -11.42
N ASP A 31 23.45 14.30 -12.25
CA ASP A 31 23.30 13.75 -13.59
C ASP A 31 24.55 13.86 -14.45
N ASN A 32 25.41 14.82 -14.15
CA ASN A 32 26.67 14.95 -14.90
C ASN A 32 27.61 13.89 -14.37
N LEU A 33 27.52 13.65 -13.06
CA LEU A 33 28.33 12.68 -12.37
C LEU A 33 27.99 11.29 -12.85
N GLU A 34 26.83 10.79 -12.44
CA GLU A 34 26.38 9.46 -12.83
C GLU A 34 26.54 9.25 -14.34
N LYS A 35 26.48 10.33 -15.11
CA LYS A 35 26.63 10.28 -16.57
C LYS A 35 28.07 9.96 -16.95
N GLU A 36 29.02 10.52 -16.21
CA GLU A 36 30.42 10.25 -16.49
C GLU A 36 30.90 9.03 -15.70
N THR A 37 30.49 8.96 -14.44
CA THR A 37 30.82 7.86 -13.53
C THR A 37 30.52 6.51 -14.18
N GLU A 38 29.23 6.15 -14.20
CA GLU A 38 28.82 4.87 -14.80
C GLU A 38 29.15 4.92 -16.30
N GLY A 39 29.21 6.14 -16.86
CA GLY A 39 29.51 6.33 -18.28
C GLY A 39 30.92 5.90 -18.68
N LEU A 40 31.85 5.96 -17.73
CA LEU A 40 33.22 5.55 -17.97
C LEU A 40 33.34 4.14 -17.41
N ARG A 41 32.46 3.81 -16.46
CA ARG A 41 32.42 2.49 -15.84
C ARG A 41 32.01 1.46 -16.89
N GLN A 42 31.27 1.94 -17.89
CA GLN A 42 30.79 1.09 -18.98
C GLN A 42 31.91 0.92 -20.00
N GLU A 43 32.68 1.98 -20.21
CA GLU A 43 33.79 1.95 -21.16
C GLU A 43 34.86 1.01 -20.61
N MET A 44 35.01 1.01 -19.29
CA MET A 44 35.98 0.17 -18.63
C MET A 44 35.59 -1.29 -18.57
N SER A 45 34.35 -1.56 -18.20
CA SER A 45 33.90 -2.94 -18.12
C SER A 45 34.00 -3.56 -19.51
N LYS A 46 33.84 -2.73 -20.54
CA LYS A 46 33.95 -3.23 -21.91
C LYS A 46 35.42 -3.24 -22.34
N ASP A 47 36.19 -2.31 -21.78
CA ASP A 47 37.62 -2.23 -22.09
C ASP A 47 38.32 -3.44 -21.47
N LEU A 48 37.81 -3.87 -20.32
CA LEU A 48 38.33 -5.01 -19.57
C LEU A 48 38.03 -6.33 -20.26
N GLU A 49 36.84 -6.42 -20.84
CA GLU A 49 36.40 -7.62 -21.51
C GLU A 49 37.46 -8.15 -22.44
N GLU A 50 37.83 -7.35 -23.44
CA GLU A 50 38.85 -7.71 -24.42
C GLU A 50 40.04 -8.33 -23.74
N VAL A 51 40.41 -7.73 -22.62
CA VAL A 51 41.52 -8.19 -21.84
C VAL A 51 41.23 -9.61 -21.42
N LYS A 52 40.21 -9.75 -20.58
CA LYS A 52 39.81 -11.06 -20.10
C LYS A 52 39.66 -12.02 -21.29
N ALA A 53 39.35 -11.46 -22.46
CA ALA A 53 39.15 -12.23 -23.68
C ALA A 53 40.46 -12.68 -24.28
N LYS A 54 41.43 -11.77 -24.29
CA LYS A 54 42.74 -12.08 -24.86
C LYS A 54 43.54 -12.97 -23.94
N VAL A 55 42.93 -13.37 -22.82
CA VAL A 55 43.64 -14.19 -21.86
C VAL A 55 42.95 -15.47 -21.48
N GLN A 56 41.64 -15.40 -21.34
CA GLN A 56 40.86 -16.56 -20.95
C GLN A 56 41.43 -17.87 -21.46
N PRO A 57 41.41 -18.08 -22.78
CA PRO A 57 41.95 -19.33 -23.32
C PRO A 57 43.33 -19.62 -22.78
N TYR A 58 44.13 -18.58 -22.65
CA TYR A 58 45.44 -18.79 -22.13
C TYR A 58 45.30 -19.33 -20.71
N LEU A 59 44.68 -18.53 -19.86
CA LEU A 59 44.46 -18.93 -18.48
C LEU A 59 43.95 -20.34 -18.47
N ASP A 60 42.88 -20.55 -19.24
CA ASP A 60 42.22 -21.82 -19.39
C ASP A 60 43.23 -22.93 -19.25
N ASP A 61 44.33 -22.77 -19.97
CA ASP A 61 45.43 -23.70 -19.95
C ASP A 61 45.62 -24.17 -18.53
N PHE A 62 45.82 -23.22 -17.65
CA PHE A 62 46.02 -23.52 -16.26
C PHE A 62 44.98 -24.42 -15.60
N GLN A 63 43.71 -24.24 -15.91
CA GLN A 63 42.67 -25.07 -15.30
C GLN A 63 42.99 -26.55 -15.48
N LYS A 64 43.35 -26.93 -16.70
CA LYS A 64 43.70 -28.31 -16.98
C LYS A 64 44.95 -28.63 -16.19
N LYS A 65 45.75 -27.60 -15.93
CA LYS A 65 46.96 -27.80 -15.17
C LYS A 65 46.61 -28.26 -13.75
N TRP A 66 45.58 -27.64 -13.16
CA TRP A 66 45.18 -28.02 -11.79
C TRP A 66 44.62 -29.44 -11.87
N GLN A 67 43.82 -29.67 -12.89
CA GLN A 67 43.19 -30.96 -13.14
C GLN A 67 44.24 -32.06 -13.18
N GLU A 68 45.43 -31.70 -13.64
CA GLU A 68 46.53 -32.63 -13.77
C GLU A 68 47.06 -33.10 -12.42
N GLU A 69 47.44 -32.16 -11.57
CA GLU A 69 47.97 -32.49 -10.27
C GLU A 69 46.91 -33.22 -9.45
N MET A 70 45.70 -32.69 -9.52
CA MET A 70 44.55 -33.21 -8.80
C MET A 70 44.39 -34.72 -8.80
N GLU A 71 44.14 -35.29 -9.97
CA GLU A 71 43.94 -36.73 -10.11
C GLU A 71 45.05 -37.55 -9.46
N LEU A 72 46.29 -37.16 -9.68
CA LEU A 72 47.44 -37.86 -9.13
C LEU A 72 47.34 -38.03 -7.61
N TYR A 73 46.96 -36.96 -6.93
CA TYR A 73 46.80 -36.98 -5.48
C TYR A 73 45.59 -37.85 -5.19
N ARG A 74 44.51 -37.58 -5.92
CA ARG A 74 43.27 -38.32 -5.79
C ARG A 74 43.61 -39.80 -5.92
N GLN A 75 44.79 -40.08 -6.46
CA GLN A 75 45.25 -41.44 -6.65
C GLN A 75 46.04 -42.04 -5.51
N LYS A 76 47.13 -41.40 -5.16
CA LYS A 76 47.98 -41.89 -4.08
C LYS A 76 47.16 -42.10 -2.82
N VAL A 77 46.21 -41.20 -2.60
CA VAL A 77 45.36 -41.25 -1.44
C VAL A 77 44.28 -42.30 -1.52
N GLU A 78 43.75 -42.50 -2.72
CA GLU A 78 42.69 -43.49 -2.95
C GLU A 78 42.75 -44.80 -2.17
N PRO A 79 43.94 -45.42 -2.05
CA PRO A 79 44.16 -46.70 -1.33
C PRO A 79 43.96 -46.63 0.17
N LEU A 80 44.42 -45.52 0.73
CA LEU A 80 44.35 -45.27 2.15
C LEU A 80 42.88 -45.22 2.51
N ARG A 81 42.07 -44.83 1.54
CA ARG A 81 40.63 -44.76 1.70
C ARG A 81 40.06 -46.11 2.12
N ALA A 82 40.21 -47.12 1.27
CA ALA A 82 39.70 -48.48 1.55
C ALA A 82 40.14 -49.00 2.90
N GLU A 83 41.39 -48.71 3.23
CA GLU A 83 41.98 -49.12 4.49
C GLU A 83 41.16 -48.55 5.64
N LEU A 84 40.60 -47.37 5.41
CA LEU A 84 39.77 -46.70 6.39
C LEU A 84 38.32 -46.94 6.08
N GLN A 85 38.04 -47.19 4.80
CA GLN A 85 36.69 -47.40 4.32
C GLN A 85 36.17 -48.69 4.87
N GLU A 86 36.62 -49.79 4.31
CA GLU A 86 36.18 -51.08 4.79
C GLU A 86 36.73 -51.28 6.19
N GLY A 87 37.89 -50.68 6.46
CA GLY A 87 38.53 -50.78 7.76
C GLY A 87 37.62 -50.38 8.92
N ALA A 88 36.77 -49.39 8.69
CA ALA A 88 35.85 -48.94 9.72
C ALA A 88 34.58 -49.81 9.71
N ARG A 89 33.96 -49.92 8.54
CA ARG A 89 32.74 -50.71 8.34
C ARG A 89 32.70 -51.92 9.22
N GLN A 90 33.84 -52.60 9.27
CA GLN A 90 34.01 -53.81 10.05
C GLN A 90 33.76 -53.62 11.52
N LYS A 91 34.57 -52.81 12.18
CA LYS A 91 34.40 -52.60 13.60
C LYS A 91 33.00 -52.15 13.93
N LEU A 92 32.36 -51.50 12.97
CA LEU A 92 31.00 -51.03 13.17
C LEU A 92 30.06 -52.19 13.00
N HIS A 93 30.35 -53.01 12.00
CA HIS A 93 29.56 -54.20 11.70
C HIS A 93 29.47 -55.08 12.94
N GLU A 94 30.64 -55.52 13.41
CA GLU A 94 30.76 -56.37 14.59
C GLU A 94 29.88 -55.81 15.67
N LEU A 95 30.18 -54.57 16.01
CA LEU A 95 29.49 -53.87 17.04
C LEU A 95 28.01 -54.15 17.07
N GLN A 96 27.31 -53.73 16.03
CA GLN A 96 25.88 -53.91 15.96
C GLN A 96 25.53 -55.34 16.31
N GLU A 97 26.31 -56.31 15.79
CA GLU A 97 26.01 -57.70 16.12
C GLU A 97 26.31 -57.98 17.59
N LYS A 98 27.29 -57.29 18.16
CA LYS A 98 27.57 -57.50 19.56
C LYS A 98 26.60 -56.65 20.36
N LEU A 99 25.69 -56.00 19.65
CA LEU A 99 24.71 -55.16 20.32
C LEU A 99 23.33 -55.74 20.32
N SER A 100 23.21 -56.96 19.82
CA SER A 100 21.92 -57.63 19.83
C SER A 100 21.54 -58.13 21.24
N PRO A 101 22.52 -58.24 22.17
CA PRO A 101 22.19 -58.70 23.53
C PRO A 101 21.19 -57.74 24.15
N LEU A 102 21.35 -56.50 23.75
CA LEU A 102 20.52 -55.40 24.18
C LEU A 102 19.08 -55.69 23.75
N GLY A 103 18.93 -56.55 22.75
CA GLY A 103 17.63 -56.95 22.26
C GLY A 103 16.84 -57.62 23.37
N GLU A 104 17.13 -58.90 23.64
CA GLU A 104 16.44 -59.63 24.71
C GLU A 104 16.52 -58.84 26.03
N GLU A 105 17.59 -58.06 26.20
CA GLU A 105 17.76 -57.29 27.41
C GLU A 105 16.77 -56.13 27.45
N MET A 106 17.16 -55.05 26.79
CA MET A 106 16.36 -53.84 26.69
C MET A 106 14.91 -54.24 26.47
N ARG A 107 14.63 -54.81 25.31
CA ARG A 107 13.26 -55.21 24.95
C ARG A 107 12.52 -56.03 25.99
N ASP A 108 12.92 -57.27 26.20
CA ASP A 108 12.23 -58.10 27.18
C ASP A 108 12.09 -57.40 28.52
N ARG A 109 13.04 -56.52 28.83
CA ARG A 109 12.97 -55.79 30.09
C ARG A 109 11.87 -54.73 30.05
N ALA A 110 11.96 -53.86 29.05
CA ALA A 110 11.02 -52.76 28.86
C ALA A 110 9.63 -53.27 28.62
N ARG A 111 9.54 -54.12 27.60
CA ARG A 111 8.34 -54.79 27.16
C ARG A 111 7.20 -54.52 28.10
N ALA A 112 7.31 -55.14 29.27
CA ALA A 112 6.31 -55.03 30.30
C ALA A 112 5.87 -53.61 30.60
N HIS A 113 6.74 -52.84 31.25
CA HIS A 113 6.38 -51.48 31.59
C HIS A 113 5.75 -50.76 30.43
N VAL A 114 6.24 -51.02 29.23
CA VAL A 114 5.72 -50.41 28.03
C VAL A 114 4.24 -50.68 27.95
N ASP A 115 3.92 -51.96 27.99
CA ASP A 115 2.55 -52.43 27.92
C ASP A 115 1.63 -51.77 28.94
N ALA A 116 2.16 -51.47 30.11
CA ALA A 116 1.38 -50.85 31.17
C ALA A 116 0.47 -49.79 30.59
N LEU A 117 1.04 -48.95 29.75
CA LEU A 117 0.25 -47.90 29.15
C LEU A 117 -0.73 -48.45 28.15
N ARG A 118 -0.31 -49.45 27.38
CA ARG A 118 -1.21 -50.10 26.39
C ARG A 118 -2.56 -50.24 27.07
N THR A 119 -2.49 -50.70 28.31
CA THR A 119 -3.66 -50.93 29.12
C THR A 119 -4.14 -49.69 29.82
N HIS A 120 -3.22 -48.84 30.25
CA HIS A 120 -3.60 -47.62 30.94
C HIS A 120 -4.16 -46.63 29.94
N LEU A 121 -4.10 -46.99 28.67
CA LEU A 121 -4.58 -46.13 27.59
C LEU A 121 -5.87 -46.60 27.00
N ALA A 122 -5.82 -47.81 26.45
CA ALA A 122 -6.94 -48.47 25.77
C ALA A 122 -8.34 -47.96 26.08
N PRO A 123 -8.67 -47.80 27.37
CA PRO A 123 -10.00 -47.30 27.73
C PRO A 123 -10.25 -45.92 27.14
N TYR A 124 -9.28 -45.04 27.29
CA TYR A 124 -9.41 -43.69 26.80
C TYR A 124 -9.62 -43.63 25.31
N SER A 125 -8.91 -44.46 24.56
CA SER A 125 -9.09 -44.50 23.12
C SER A 125 -10.58 -44.72 22.98
N ASP A 126 -11.02 -45.85 23.53
CA ASP A 126 -12.43 -46.23 23.49
C ASP A 126 -13.34 -45.10 23.93
N GLU A 127 -12.92 -44.37 24.96
CA GLU A 127 -13.72 -43.29 25.50
C GLU A 127 -13.86 -42.16 24.51
N LEU A 128 -12.76 -41.79 23.87
CA LEU A 128 -12.77 -40.70 22.91
C LEU A 128 -13.39 -41.07 21.61
N ARG A 129 -13.10 -42.27 21.17
CA ARG A 129 -13.63 -42.78 19.93
C ARG A 129 -15.15 -42.59 19.99
N GLN A 130 -15.76 -43.13 21.04
CA GLN A 130 -17.20 -43.04 21.26
C GLN A 130 -17.66 -41.59 21.34
N ARG A 131 -16.74 -40.72 21.78
CA ARG A 131 -17.03 -39.30 21.91
C ARG A 131 -16.88 -38.50 20.62
N LEU A 132 -15.64 -38.29 20.18
CA LEU A 132 -15.39 -37.52 18.97
C LEU A 132 -16.18 -37.95 17.74
N ALA A 133 -16.36 -39.25 17.58
CA ALA A 133 -17.11 -39.77 16.44
C ALA A 133 -18.51 -39.16 16.37
N ALA A 134 -19.27 -39.32 17.46
CA ALA A 134 -20.63 -38.79 17.52
C ALA A 134 -20.64 -37.28 17.30
N ARG A 135 -19.54 -36.63 17.64
CA ARG A 135 -19.41 -35.20 17.45
C ARG A 135 -19.64 -34.86 16.00
N LEU A 136 -19.10 -35.70 15.12
CA LEU A 136 -19.24 -35.47 13.71
C LEU A 136 -20.60 -35.83 13.17
N GLU A 137 -21.30 -36.72 13.86
CA GLU A 137 -22.64 -37.08 13.44
C GLU A 137 -23.46 -35.82 13.63
N ALA A 138 -23.09 -35.04 14.63
CA ALA A 138 -23.78 -33.79 14.92
C ALA A 138 -23.49 -32.81 13.79
N LEU A 139 -22.42 -33.06 13.04
CA LEU A 139 -22.08 -32.17 11.95
C LEU A 139 -23.00 -32.39 10.75
N LYS A 140 -23.15 -33.63 10.32
CA LYS A 140 -24.02 -33.98 9.20
C LYS A 140 -25.45 -33.56 9.54
N GLU A 141 -25.93 -34.08 10.66
CA GLU A 141 -27.27 -33.78 11.14
C GLU A 141 -27.48 -32.27 11.23
N ASN A 142 -26.47 -31.55 11.72
CA ASN A 142 -26.59 -30.11 11.83
C ASN A 142 -26.43 -29.40 10.50
N GLY A 143 -25.71 -30.04 9.58
CA GLY A 143 -25.54 -29.47 8.26
C GLY A 143 -26.91 -29.39 7.62
N GLY A 144 -27.71 -30.42 7.87
CA GLY A 144 -29.07 -30.49 7.35
C GLY A 144 -29.97 -29.40 7.91
N ALA A 145 -29.73 -29.01 9.15
CA ALA A 145 -30.51 -27.97 9.80
C ALA A 145 -30.33 -26.66 9.05
N ARG A 146 -29.08 -26.24 8.88
CA ARG A 146 -28.77 -25.01 8.19
C ARG A 146 -29.24 -25.04 6.76
N LEU A 147 -28.91 -26.12 6.05
CA LEU A 147 -29.32 -26.24 4.66
C LEU A 147 -30.82 -26.09 4.57
N ALA A 148 -31.54 -26.79 5.43
CA ALA A 148 -32.99 -26.71 5.43
C ALA A 148 -33.46 -25.29 5.74
N GLU A 149 -32.78 -24.66 6.68
CA GLU A 149 -33.09 -23.29 7.09
C GLU A 149 -32.75 -22.34 5.95
N TYR A 150 -31.75 -22.72 5.16
CA TYR A 150 -31.30 -21.91 4.04
C TYR A 150 -32.24 -22.00 2.86
N HIS A 151 -32.34 -23.19 2.28
CA HIS A 151 -33.20 -23.42 1.14
C HIS A 151 -34.53 -22.70 1.33
N ALA A 152 -35.09 -22.84 2.52
CA ALA A 152 -36.35 -22.21 2.86
C ALA A 152 -36.26 -20.73 2.53
N LYS A 153 -35.24 -20.07 3.04
CA LYS A 153 -35.06 -18.64 2.80
C LYS A 153 -34.82 -18.31 1.33
N ALA A 154 -34.07 -19.16 0.64
CA ALA A 154 -33.79 -18.95 -0.77
C ALA A 154 -35.11 -18.91 -1.51
N THR A 155 -35.91 -19.95 -1.30
CA THR A 155 -37.20 -20.10 -1.92
C THR A 155 -38.09 -18.87 -1.69
N GLU A 156 -38.20 -18.46 -0.44
CA GLU A 156 -39.00 -17.32 -0.06
C GLU A 156 -38.60 -16.10 -0.88
N HIS A 157 -37.29 -15.91 -1.03
CA HIS A 157 -36.77 -14.78 -1.79
C HIS A 157 -37.29 -14.71 -3.19
N LEU A 158 -37.32 -15.84 -3.86
CA LEU A 158 -37.77 -15.91 -5.23
C LEU A 158 -39.25 -15.59 -5.33
N SER A 159 -39.95 -15.82 -4.22
CA SER A 159 -41.39 -15.58 -4.16
C SER A 159 -41.73 -14.14 -3.75
N THR A 160 -40.80 -13.45 -3.11
CA THR A 160 -41.01 -12.07 -2.67
C THR A 160 -41.02 -11.14 -3.87
N LEU A 161 -40.27 -11.53 -4.90
CA LEU A 161 -40.12 -10.76 -6.13
C LEU A 161 -41.46 -10.42 -6.76
N SER A 162 -42.37 -11.39 -6.71
CA SER A 162 -43.71 -11.23 -7.27
C SER A 162 -44.41 -10.00 -6.73
N GLU A 163 -44.27 -9.74 -5.44
CA GLU A 163 -44.88 -8.59 -4.78
C GLU A 163 -44.10 -7.29 -4.95
N LYS A 164 -42.80 -7.42 -5.24
CA LYS A 164 -41.93 -6.27 -5.39
C LYS A 164 -41.94 -5.70 -6.79
N ALA A 165 -41.67 -6.56 -7.77
CA ALA A 165 -41.64 -6.15 -9.16
C ALA A 165 -42.85 -5.30 -9.51
N LYS A 166 -44.03 -5.69 -9.01
CA LYS A 166 -45.30 -5.01 -9.28
C LYS A 166 -45.41 -3.50 -8.99
N PRO A 167 -45.24 -3.07 -7.71
CA PRO A 167 -45.35 -1.64 -7.43
C PRO A 167 -44.32 -0.80 -8.18
N ALA A 168 -43.08 -1.30 -8.23
CA ALA A 168 -42.00 -0.61 -8.92
C ALA A 168 -42.37 -0.38 -10.37
N LEU A 169 -43.13 -1.31 -10.94
CA LEU A 169 -43.53 -1.21 -12.35
C LEU A 169 -44.60 -0.19 -12.67
N GLU A 170 -45.00 0.61 -11.69
CA GLU A 170 -45.97 1.65 -11.98
C GLU A 170 -45.16 2.89 -12.35
N ASP A 171 -43.89 2.90 -11.93
CA ASP A 171 -42.93 4.01 -12.14
C ASP A 171 -42.83 4.51 -13.58
N LEU A 172 -42.22 3.72 -14.47
CA LEU A 172 -42.06 4.11 -15.87
C LEU A 172 -43.35 4.20 -16.70
N ARG A 173 -44.23 3.18 -16.58
CA ARG A 173 -45.49 3.13 -17.34
C ARG A 173 -46.33 4.38 -17.23
N GLN A 174 -46.34 4.94 -16.03
CA GLN A 174 -47.09 6.14 -15.77
C GLN A 174 -46.18 7.35 -15.66
N GLY A 175 -44.87 7.14 -15.48
CA GLY A 175 -43.91 8.24 -15.38
C GLY A 175 -43.92 9.16 -16.59
N LEU A 176 -44.60 8.70 -17.64
CA LEU A 176 -44.75 9.45 -18.87
C LEU A 176 -46.00 10.33 -18.73
N LEU A 177 -46.58 10.32 -17.52
CA LEU A 177 -47.77 11.12 -17.16
C LEU A 177 -47.29 12.20 -16.17
N PRO A 178 -46.74 11.81 -14.99
CA PRO A 178 -46.30 12.88 -14.10
C PRO A 178 -44.90 13.45 -14.33
N VAL A 179 -44.53 13.74 -15.57
CA VAL A 179 -43.23 14.35 -15.79
C VAL A 179 -43.41 15.84 -15.43
N LEU A 180 -44.56 16.12 -14.78
CA LEU A 180 -44.95 17.44 -14.29
C LEU A 180 -43.75 18.02 -13.61
N GLU A 181 -43.62 19.33 -13.62
CA GLU A 181 -42.45 19.95 -13.04
C GLU A 181 -42.72 21.04 -12.00
N SER A 182 -41.68 21.78 -11.65
CA SER A 182 -41.81 22.85 -10.68
C SER A 182 -41.98 24.19 -11.37
N PHE A 183 -41.26 24.39 -12.48
CA PHE A 183 -41.32 25.62 -13.25
C PHE A 183 -41.40 26.88 -12.38
N LYS A 184 -40.24 27.38 -11.99
CA LYS A 184 -40.16 28.60 -11.19
C LYS A 184 -40.07 29.74 -12.19
N VAL A 185 -41.08 30.61 -12.22
CA VAL A 185 -41.12 31.75 -13.12
C VAL A 185 -39.71 32.31 -13.42
N SER A 186 -38.88 32.31 -12.37
CA SER A 186 -37.48 32.75 -12.35
C SER A 186 -37.35 34.10 -11.66
N PHE A 187 -37.43 35.18 -12.43
CA PHE A 187 -37.35 36.53 -11.91
C PHE A 187 -38.12 36.71 -10.61
N LEU A 188 -39.35 36.19 -10.54
CA LEU A 188 -40.14 36.33 -9.33
C LEU A 188 -39.38 35.74 -8.16
N SER A 189 -38.79 34.58 -8.41
CA SER A 189 -38.01 33.91 -7.40
C SER A 189 -36.98 34.89 -6.84
N ALA A 190 -36.59 35.88 -7.64
CA ALA A 190 -35.63 36.88 -7.21
C ALA A 190 -36.24 37.72 -6.10
N LEU A 191 -37.51 38.06 -6.24
CA LEU A 191 -38.19 38.84 -5.22
C LEU A 191 -38.29 38.02 -3.96
N GLU A 192 -38.49 36.72 -4.15
CA GLU A 192 -38.59 35.77 -3.04
C GLU A 192 -37.43 35.95 -2.08
N GLU A 193 -36.21 36.07 -2.63
CA GLU A 193 -35.01 36.26 -1.81
C GLU A 193 -34.93 37.75 -1.42
N TYR A 194 -35.13 38.60 -2.41
CA TYR A 194 -35.09 40.05 -2.27
C TYR A 194 -35.68 40.63 -0.99
N THR A 195 -37.01 40.65 -0.93
CA THR A 195 -37.73 41.18 0.21
C THR A 195 -37.43 40.48 1.54
N LYS A 196 -36.85 39.29 1.46
CA LYS A 196 -36.52 38.53 2.67
C LYS A 196 -35.46 39.23 3.49
N LYS A 197 -34.35 39.59 2.84
CA LYS A 197 -33.26 40.28 3.52
C LYS A 197 -33.70 41.58 4.17
N LEU A 198 -34.67 42.26 3.54
CA LEU A 198 -35.20 43.52 4.04
C LEU A 198 -35.54 43.46 5.53
N ASN A 199 -35.87 42.28 6.01
CA ASN A 199 -36.22 42.10 7.40
C ASN A 199 -35.20 41.27 8.19
N THR A 200 -34.47 40.37 7.52
CA THR A 200 -33.47 39.55 8.22
C THR A 200 -32.26 40.36 8.68
N GLN A 201 -32.23 41.65 8.32
CA GLN A 201 -31.17 42.56 8.73
C GLN A 201 -31.78 43.93 9.04
N MET B 1 -37.11 15.59 -21.48
CA MET B 1 -35.68 15.18 -21.49
C MET B 1 -35.58 13.69 -21.87
N LEU B 2 -35.40 12.85 -20.87
CA LEU B 2 -35.31 11.41 -21.05
C LEU B 2 -36.11 10.82 -19.91
N LYS B 3 -37.41 11.07 -19.89
CA LYS B 3 -38.25 10.53 -18.81
C LYS B 3 -38.19 9.02 -18.84
N LEU B 4 -37.73 8.48 -19.95
CA LEU B 4 -37.59 7.04 -20.12
C LEU B 4 -36.29 6.60 -19.47
N LEU B 5 -35.41 7.56 -19.22
CA LEU B 5 -34.12 7.30 -18.58
C LEU B 5 -34.28 6.36 -17.40
N ASP B 6 -35.44 6.43 -16.73
CA ASP B 6 -35.71 5.58 -15.57
C ASP B 6 -35.86 4.10 -15.93
N ASN B 7 -35.50 3.75 -17.16
CA ASN B 7 -35.56 2.37 -17.61
C ASN B 7 -34.44 1.62 -16.88
N TRP B 8 -33.27 2.25 -16.78
CA TRP B 8 -32.12 1.67 -16.08
C TRP B 8 -32.40 1.55 -14.59
N ASP B 9 -33.31 2.40 -14.10
CA ASP B 9 -33.75 2.41 -12.70
C ASP B 9 -34.40 1.06 -12.39
N SER B 10 -35.22 0.60 -13.32
CA SER B 10 -35.96 -0.65 -13.20
C SER B 10 -35.11 -1.89 -13.45
N VAL B 11 -34.09 -1.76 -14.30
CA VAL B 11 -33.20 -2.88 -14.61
C VAL B 11 -32.36 -3.20 -13.38
N THR B 12 -31.81 -2.16 -12.77
CA THR B 12 -30.96 -2.29 -11.58
C THR B 12 -31.64 -2.75 -10.28
N SER B 13 -32.72 -2.08 -9.88
CA SER B 13 -33.44 -2.46 -8.65
C SER B 13 -34.19 -3.79 -8.75
N THR B 14 -34.03 -4.50 -9.87
CA THR B 14 -34.69 -5.78 -10.06
C THR B 14 -33.70 -6.94 -10.13
N PHE B 15 -32.87 -6.94 -11.16
CA PHE B 15 -31.88 -8.00 -11.36
C PHE B 15 -30.79 -8.02 -10.33
N SER B 16 -29.87 -7.06 -10.43
CA SER B 16 -28.76 -6.98 -9.49
C SER B 16 -29.21 -6.84 -8.05
N LYS B 17 -30.47 -6.48 -7.83
CA LYS B 17 -30.98 -6.31 -6.48
C LYS B 17 -31.16 -7.60 -5.70
N LEU B 18 -31.93 -8.55 -6.24
CA LEU B 18 -32.16 -9.82 -5.53
C LEU B 18 -30.87 -10.47 -5.08
N ARG B 19 -29.82 -10.25 -5.85
CA ARG B 19 -28.49 -10.77 -5.57
C ARG B 19 -28.03 -10.39 -4.16
N GLU B 20 -28.20 -9.11 -3.84
CA GLU B 20 -27.82 -8.56 -2.54
C GLU B 20 -28.67 -9.18 -1.42
N GLN B 21 -29.87 -9.62 -1.78
CA GLN B 21 -30.78 -10.27 -0.85
C GLN B 21 -30.21 -11.65 -0.49
N LEU B 22 -29.33 -12.15 -1.36
CA LEU B 22 -28.69 -13.44 -1.15
C LEU B 22 -27.33 -13.31 -0.44
N GLY B 23 -26.96 -12.10 -0.07
CA GLY B 23 -25.73 -11.91 0.68
C GLY B 23 -25.83 -12.80 1.91
N PRO B 24 -27.05 -12.97 2.46
CA PRO B 24 -27.32 -13.82 3.62
C PRO B 24 -26.85 -15.24 3.39
N VAL B 25 -26.47 -15.53 2.15
CA VAL B 25 -25.93 -16.84 1.81
C VAL B 25 -24.72 -16.90 2.74
N THR B 26 -23.92 -15.85 2.68
CA THR B 26 -22.72 -15.70 3.49
C THR B 26 -23.08 -15.46 4.97
N GLN B 27 -24.31 -15.00 5.22
CA GLN B 27 -24.81 -14.71 6.57
C GLN B 27 -25.29 -15.93 7.35
N GLU B 28 -26.18 -16.69 6.73
CA GLU B 28 -26.77 -17.87 7.36
C GLU B 28 -25.94 -19.12 7.13
N PHE B 29 -25.57 -19.37 5.88
CA PHE B 29 -24.79 -20.56 5.56
C PHE B 29 -23.34 -20.54 6.04
N TRP B 30 -22.45 -19.85 5.33
CA TRP B 30 -21.03 -19.81 5.69
C TRP B 30 -20.79 -19.31 7.11
N ASP B 31 -21.62 -18.40 7.57
CA ASP B 31 -21.46 -17.87 8.92
C ASP B 31 -21.77 -18.96 9.93
N ASN B 32 -22.92 -19.61 9.77
CA ASN B 32 -23.32 -20.69 10.66
C ASN B 32 -22.40 -21.88 10.41
N LEU B 33 -21.84 -21.92 9.21
CA LEU B 33 -20.94 -22.98 8.77
C LEU B 33 -19.73 -22.89 9.68
N GLU B 34 -18.99 -21.81 9.50
CA GLU B 34 -17.79 -21.51 10.25
C GLU B 34 -18.08 -21.53 11.76
N LYS B 35 -19.25 -21.02 12.15
CA LYS B 35 -19.66 -20.95 13.55
C LYS B 35 -19.60 -22.28 14.29
N GLU B 36 -20.32 -23.27 13.78
CA GLU B 36 -20.27 -24.57 14.44
C GLU B 36 -18.96 -25.26 14.15
N THR B 37 -18.63 -25.39 12.87
CA THR B 37 -17.39 -26.04 12.42
C THR B 37 -16.22 -25.83 13.39
N GLU B 38 -15.70 -24.61 13.42
CA GLU B 38 -14.59 -24.30 14.30
C GLU B 38 -15.08 -24.18 15.74
N GLY B 39 -16.37 -23.90 15.90
CA GLY B 39 -16.97 -23.74 17.22
C GLY B 39 -16.99 -25.03 18.02
N LEU B 40 -17.22 -26.15 17.35
CA LEU B 40 -17.27 -27.43 18.02
C LEU B 40 -15.85 -27.91 18.11
N ARG B 41 -15.08 -27.51 17.11
CA ARG B 41 -13.68 -27.84 17.04
C ARG B 41 -13.13 -27.38 18.36
N GLN B 42 -13.58 -26.22 18.80
CA GLN B 42 -13.21 -25.64 20.07
C GLN B 42 -13.57 -26.60 21.19
N GLU B 43 -14.82 -27.08 21.19
CA GLU B 43 -15.26 -28.00 22.22
C GLU B 43 -14.49 -29.32 22.13
N MET B 44 -13.99 -29.62 20.95
CA MET B 44 -13.23 -30.84 20.75
C MET B 44 -11.87 -30.77 21.39
N SER B 45 -11.01 -29.90 20.87
CA SER B 45 -9.65 -29.70 21.38
C SER B 45 -9.61 -29.79 22.89
N LYS B 46 -10.68 -29.32 23.50
CA LYS B 46 -10.84 -29.33 24.95
C LYS B 46 -10.35 -30.65 25.52
N ASP B 47 -10.88 -31.74 24.97
CA ASP B 47 -10.54 -33.08 25.41
C ASP B 47 -9.08 -33.35 25.47
N LEU B 48 -8.40 -33.14 24.36
CA LEU B 48 -6.98 -33.38 24.30
C LEU B 48 -6.27 -32.82 25.52
N GLU B 49 -6.62 -31.61 25.92
CA GLU B 49 -5.97 -31.03 27.08
C GLU B 49 -6.45 -31.71 28.35
N GLU B 50 -7.70 -32.12 28.37
CA GLU B 50 -8.27 -32.79 29.54
C GLU B 50 -7.57 -34.12 29.77
N VAL B 51 -7.77 -35.00 28.80
CA VAL B 51 -7.19 -36.32 28.81
C VAL B 51 -5.75 -36.20 29.19
N LYS B 52 -5.10 -35.22 28.57
CA LYS B 52 -3.69 -34.92 28.77
C LYS B 52 -3.40 -35.04 30.25
N ALA B 53 -4.22 -34.34 31.03
CA ALA B 53 -4.07 -34.36 32.46
C ALA B 53 -4.10 -35.81 32.93
N LYS B 54 -5.25 -36.44 32.80
CA LYS B 54 -5.42 -37.83 33.21
C LYS B 54 -4.39 -38.79 32.65
N VAL B 55 -3.71 -38.35 31.59
CA VAL B 55 -2.70 -39.14 30.92
C VAL B 55 -1.30 -38.92 31.45
N GLN B 56 -0.99 -37.66 31.72
CA GLN B 56 0.31 -37.27 32.20
C GLN B 56 0.87 -38.10 33.33
N PRO B 57 0.08 -38.33 34.38
CA PRO B 57 0.52 -39.12 35.51
C PRO B 57 1.19 -40.41 35.08
N TYR B 58 0.50 -41.15 34.23
CA TYR B 58 1.01 -42.41 33.76
C TYR B 58 2.22 -42.21 32.90
N LEU B 59 2.08 -41.34 31.90
CA LEU B 59 3.20 -41.09 31.01
C LEU B 59 4.48 -40.78 31.77
N ASP B 60 4.35 -39.95 32.80
CA ASP B 60 5.49 -39.57 33.62
C ASP B 60 6.00 -40.72 34.46
N ASP B 61 5.07 -41.41 35.13
CA ASP B 61 5.40 -42.55 35.99
C ASP B 61 6.32 -43.44 35.17
N PHE B 62 5.92 -43.56 33.92
CA PHE B 62 6.61 -44.34 32.94
C PHE B 62 7.96 -43.73 32.61
N GLN B 63 7.93 -42.47 32.25
CA GLN B 63 9.12 -41.74 31.89
C GLN B 63 10.26 -41.93 32.87
N LYS B 64 10.00 -41.63 34.14
CA LYS B 64 10.99 -41.76 35.22
C LYS B 64 11.66 -43.12 35.20
N LYS B 65 10.87 -44.14 34.84
CA LYS B 65 11.37 -45.50 34.79
C LYS B 65 12.26 -45.75 33.58
N TRP B 66 11.77 -45.49 32.37
CA TRP B 66 12.53 -45.72 31.15
C TRP B 66 13.97 -45.29 31.27
N GLN B 67 14.17 -44.14 31.86
CA GLN B 67 15.49 -43.63 32.06
C GLN B 67 16.22 -44.57 32.99
N GLU B 68 15.60 -44.84 34.14
CA GLU B 68 16.16 -45.75 35.13
C GLU B 68 16.78 -46.95 34.42
N GLU B 69 16.12 -47.42 33.36
CA GLU B 69 16.63 -48.56 32.63
C GLU B 69 17.64 -48.16 31.59
N MET B 70 17.35 -47.11 30.81
CA MET B 70 18.27 -46.67 29.80
C MET B 70 19.67 -46.57 30.35
N GLU B 71 19.77 -46.02 31.54
CA GLU B 71 21.05 -45.87 32.20
C GLU B 71 21.74 -47.21 32.27
N LEU B 72 20.97 -48.28 32.49
CA LEU B 72 21.55 -49.62 32.51
C LEU B 72 22.29 -49.80 31.21
N TYR B 73 21.59 -49.52 30.11
CA TYR B 73 22.14 -49.65 28.78
C TYR B 73 23.47 -48.92 28.73
N ARG B 74 23.40 -47.59 28.79
CA ARG B 74 24.58 -46.73 28.75
C ARG B 74 25.80 -47.28 29.45
N GLN B 75 25.69 -47.42 30.76
CA GLN B 75 26.80 -47.91 31.57
C GLN B 75 27.38 -49.23 31.13
N LYS B 76 26.54 -50.11 30.61
CA LYS B 76 27.05 -51.39 30.16
C LYS B 76 27.73 -51.25 28.81
N VAL B 77 27.87 -50.03 28.31
CA VAL B 77 28.47 -49.77 26.99
C VAL B 77 29.80 -49.02 26.98
N GLU B 78 29.86 -47.96 27.76
CA GLU B 78 31.05 -47.12 27.87
C GLU B 78 32.41 -47.75 27.56
N PRO B 79 32.69 -48.94 28.10
CA PRO B 79 33.98 -49.60 27.85
C PRO B 79 34.34 -49.70 26.37
N LEU B 80 33.33 -49.83 25.52
CA LEU B 80 33.58 -49.92 24.09
C LEU B 80 34.09 -48.60 23.56
N ARG B 81 33.67 -47.52 24.19
CA ARG B 81 34.13 -46.20 23.79
C ARG B 81 35.64 -46.20 23.87
N ALA B 82 36.17 -47.02 24.75
CA ALA B 82 37.60 -47.12 24.90
C ALA B 82 38.18 -48.04 23.84
N GLU B 83 37.71 -49.30 23.82
CA GLU B 83 38.20 -50.27 22.86
C GLU B 83 38.23 -49.69 21.46
N LEU B 84 37.32 -48.77 21.21
CA LEU B 84 37.26 -48.13 19.92
C LEU B 84 38.06 -46.85 19.87
N GLN B 85 37.90 -45.99 20.86
CA GLN B 85 38.59 -44.71 20.89
C GLN B 85 40.09 -44.83 20.76
N GLU B 86 40.61 -45.92 21.32
CA GLU B 86 42.05 -46.23 21.28
C GLU B 86 42.49 -46.47 19.83
N GLY B 87 41.90 -47.49 19.22
CA GLY B 87 42.23 -47.85 17.84
C GLY B 87 42.09 -46.67 16.90
N ALA B 88 41.14 -45.78 17.20
CA ALA B 88 40.86 -44.59 16.42
C ALA B 88 42.03 -43.61 16.41
N ARG B 89 42.44 -43.18 17.60
CA ARG B 89 43.57 -42.25 17.71
C ARG B 89 44.83 -42.83 17.06
N GLN B 90 44.96 -44.15 17.07
CA GLN B 90 46.12 -44.83 16.48
C GLN B 90 46.31 -44.42 15.03
N LYS B 91 45.37 -44.82 14.19
CA LYS B 91 45.44 -44.51 12.77
C LYS B 91 45.47 -43.01 12.50
N LEU B 92 44.96 -42.22 13.44
CA LEU B 92 44.91 -40.76 13.33
C LEU B 92 46.20 -40.14 12.81
N HIS B 93 47.34 -40.52 13.37
CA HIS B 93 48.60 -39.97 12.93
C HIS B 93 49.17 -40.73 11.75
N GLU B 94 48.75 -41.98 11.60
CA GLU B 94 49.16 -42.81 10.48
C GLU B 94 48.85 -41.99 9.23
N LEU B 95 47.77 -41.24 9.30
CA LEU B 95 47.31 -40.42 8.22
C LEU B 95 47.69 -38.94 8.40
N GLN B 96 47.76 -38.47 9.64
CA GLN B 96 48.11 -37.08 9.88
C GLN B 96 49.55 -36.85 9.46
N GLU B 97 50.40 -37.80 9.79
CA GLU B 97 51.81 -37.71 9.49
C GLU B 97 52.29 -38.44 8.24
N LYS B 98 51.56 -39.46 7.77
CA LYS B 98 51.97 -40.13 6.53
C LYS B 98 51.42 -39.29 5.38
N LEU B 99 50.32 -38.60 5.64
CA LEU B 99 49.72 -37.75 4.63
C LEU B 99 50.38 -36.38 4.61
N SER B 100 50.64 -35.84 5.79
CA SER B 100 51.25 -34.52 5.92
C SER B 100 52.28 -34.15 4.84
N PRO B 101 53.21 -35.07 4.49
CA PRO B 101 54.25 -34.85 3.47
C PRO B 101 53.77 -34.63 2.04
N LEU B 102 52.69 -35.29 1.69
CA LEU B 102 52.14 -35.18 0.37
C LEU B 102 51.34 -33.89 0.26
N GLY B 103 50.81 -33.42 1.39
CA GLY B 103 50.07 -32.18 1.39
C GLY B 103 50.98 -31.00 1.03
N GLU B 104 52.28 -31.21 1.12
CA GLU B 104 53.25 -30.18 0.79
C GLU B 104 53.64 -30.40 -0.66
N GLU B 105 53.72 -31.68 -1.00
CA GLU B 105 54.06 -32.14 -2.32
C GLU B 105 53.34 -31.23 -3.31
N MET B 106 52.03 -31.18 -3.20
CA MET B 106 51.25 -30.34 -4.08
C MET B 106 51.40 -28.91 -3.64
N ARG B 107 51.46 -28.69 -2.32
CA ARG B 107 51.58 -27.33 -1.79
C ARG B 107 52.54 -26.53 -2.62
N ASP B 108 53.55 -27.22 -3.11
CA ASP B 108 54.52 -26.56 -3.93
C ASP B 108 54.29 -26.89 -5.39
N ARG B 109 53.77 -28.09 -5.64
CA ARG B 109 53.49 -28.53 -7.02
C ARG B 109 52.57 -27.56 -7.73
N ALA B 110 51.73 -26.88 -6.97
CA ALA B 110 50.83 -25.92 -7.56
C ALA B 110 51.55 -24.59 -7.72
N ARG B 111 52.24 -24.20 -6.66
CA ARG B 111 52.98 -22.94 -6.61
C ARG B 111 53.69 -22.60 -7.91
N ALA B 112 54.33 -23.57 -8.52
CA ALA B 112 55.05 -23.36 -9.77
C ALA B 112 54.12 -22.79 -10.82
N HIS B 113 53.14 -23.60 -11.21
CA HIS B 113 52.16 -23.22 -12.22
C HIS B 113 51.73 -21.80 -12.02
N VAL B 114 51.49 -21.48 -10.77
CA VAL B 114 51.10 -20.15 -10.38
C VAL B 114 52.16 -19.17 -10.82
N ASP B 115 53.30 -19.19 -10.14
CA ASP B 115 54.40 -18.30 -10.43
C ASP B 115 54.59 -18.19 -11.92
N ALA B 116 54.22 -19.26 -12.60
CA ALA B 116 54.31 -19.28 -14.04
C ALA B 116 53.27 -18.28 -14.56
N LEU B 117 52.01 -18.64 -14.41
CA LEU B 117 50.93 -17.80 -14.89
C LEU B 117 51.04 -16.38 -14.37
N ARG B 118 51.62 -16.24 -13.18
CA ARG B 118 51.78 -14.93 -12.57
C ARG B 118 52.44 -14.07 -13.60
N THR B 119 53.59 -14.55 -14.05
CA THR B 119 54.36 -13.88 -15.05
C THR B 119 53.49 -13.81 -16.29
N HIS B 120 52.82 -14.92 -16.58
CA HIS B 120 51.97 -14.98 -17.75
C HIS B 120 50.88 -13.94 -17.86
N LEU B 121 50.45 -13.41 -16.72
CA LEU B 121 49.37 -12.43 -16.76
C LEU B 121 49.79 -11.04 -16.50
N ALA B 122 50.83 -10.91 -15.69
CA ALA B 122 51.39 -9.63 -15.30
C ALA B 122 51.22 -8.53 -16.35
N PRO B 123 51.58 -8.80 -17.60
CA PRO B 123 51.45 -7.79 -18.65
C PRO B 123 50.06 -7.19 -18.70
N TYR B 124 49.08 -8.05 -18.80
CA TYR B 124 47.70 -7.66 -18.89
C TYR B 124 47.30 -7.13 -17.54
N SER B 125 47.67 -7.91 -16.53
CA SER B 125 47.40 -7.56 -15.16
C SER B 125 47.81 -6.12 -14.91
N ASP B 126 48.80 -5.65 -15.63
CA ASP B 126 49.25 -4.28 -15.46
C ASP B 126 48.71 -3.35 -16.52
N GLU B 127 48.49 -3.88 -17.73
CA GLU B 127 47.97 -3.07 -18.82
C GLU B 127 46.72 -2.37 -18.32
N LEU B 128 45.99 -3.09 -17.48
CA LEU B 128 44.78 -2.56 -16.91
C LEU B 128 45.10 -1.66 -15.76
N ARG B 129 45.95 -2.13 -14.87
CA ARG B 129 46.35 -1.36 -13.69
C ARG B 129 46.62 0.09 -14.07
N GLN B 130 47.67 0.31 -14.85
CA GLN B 130 48.02 1.65 -15.26
C GLN B 130 46.93 2.29 -16.16
N ARG B 131 46.16 1.46 -16.86
CA ARG B 131 45.11 1.97 -17.74
C ARG B 131 44.03 2.73 -16.98
N LEU B 132 43.32 2.08 -16.07
CA LEU B 132 42.28 2.78 -15.32
C LEU B 132 42.89 3.86 -14.45
N ALA B 133 44.16 3.70 -14.10
CA ALA B 133 44.86 4.66 -13.25
C ALA B 133 44.78 6.04 -13.85
N ALA B 134 45.34 6.17 -15.04
CA ALA B 134 45.31 7.43 -15.74
C ALA B 134 43.86 7.75 -16.11
N ARG B 135 43.05 6.71 -16.37
CA ARG B 135 41.63 6.90 -16.73
C ARG B 135 40.86 7.44 -15.53
N LEU B 136 41.41 7.21 -14.34
CA LEU B 136 40.81 7.66 -13.11
C LEU B 136 41.12 9.13 -12.94
N GLU B 137 42.35 9.50 -13.31
CA GLU B 137 42.80 10.88 -13.21
C GLU B 137 41.91 11.80 -13.99
N ALA B 138 41.39 11.31 -15.11
CA ALA B 138 40.51 12.10 -15.97
C ALA B 138 39.25 12.48 -15.23
N LEU B 139 38.69 11.53 -14.47
CA LEU B 139 37.49 11.77 -13.70
C LEU B 139 37.74 12.92 -12.73
N LYS B 140 38.77 12.75 -11.91
CA LYS B 140 39.15 13.76 -10.93
C LYS B 140 39.35 15.10 -11.65
N GLU B 141 40.20 15.06 -12.67
CA GLU B 141 40.56 16.20 -13.50
C GLU B 141 39.35 16.95 -14.09
N ASN B 142 38.64 16.29 -15.01
CA ASN B 142 37.47 16.90 -15.63
C ASN B 142 36.31 17.08 -14.64
N GLY B 143 36.36 16.32 -13.55
CA GLY B 143 35.32 16.41 -12.54
C GLY B 143 35.28 17.82 -11.97
N GLY B 144 36.39 18.23 -11.37
CA GLY B 144 36.49 19.55 -10.79
C GLY B 144 36.02 20.65 -11.72
N ALA B 145 36.12 20.40 -13.02
CA ALA B 145 35.70 21.36 -14.02
C ALA B 145 34.21 21.66 -13.88
N ARG B 146 33.40 20.60 -13.94
CA ARG B 146 31.96 20.76 -13.82
C ARG B 146 31.55 21.16 -12.42
N LEU B 147 32.47 20.96 -11.48
CA LEU B 147 32.26 21.34 -10.09
C LEU B 147 32.18 22.85 -10.10
N ALA B 148 33.19 23.46 -10.73
CA ALA B 148 33.29 24.90 -10.85
C ALA B 148 31.99 25.47 -11.37
N GLU B 149 31.32 24.71 -12.23
CA GLU B 149 30.06 25.14 -12.80
C GLU B 149 29.02 25.31 -11.70
N TYR B 150 28.84 24.30 -10.86
CA TYR B 150 27.86 24.41 -9.81
C TYR B 150 28.20 25.52 -8.81
N HIS B 151 29.47 25.91 -8.76
CA HIS B 151 29.87 26.98 -7.86
C HIS B 151 29.54 28.30 -8.54
N ALA B 152 29.98 28.40 -9.80
CA ALA B 152 29.77 29.58 -10.61
C ALA B 152 28.28 29.88 -10.76
N LYS B 153 27.48 28.83 -10.87
CA LYS B 153 26.04 29.00 -11.03
C LYS B 153 25.38 29.35 -9.70
N ALA B 154 25.96 28.86 -8.60
CA ALA B 154 25.43 29.13 -7.26
C ALA B 154 25.76 30.56 -6.84
N THR B 155 26.99 30.98 -7.13
CA THR B 155 27.43 32.33 -6.78
C THR B 155 26.55 33.37 -7.47
N GLU B 156 26.06 33.02 -8.65
CA GLU B 156 25.20 33.91 -9.42
C GLU B 156 23.76 33.80 -8.90
N HIS B 157 23.31 32.56 -8.67
CA HIS B 157 21.97 32.35 -8.15
C HIS B 157 21.89 32.93 -6.73
N LEU B 158 23.06 33.21 -6.14
CA LEU B 158 23.11 33.80 -4.82
C LEU B 158 22.90 35.30 -4.92
N SER B 159 23.61 35.93 -5.85
CA SER B 159 23.50 37.37 -6.06
C SER B 159 22.14 37.81 -6.62
N THR B 160 21.38 36.85 -7.18
CA THR B 160 20.05 37.12 -7.74
C THR B 160 19.00 37.31 -6.62
N LEU B 161 19.45 37.13 -5.39
CA LEU B 161 18.60 37.26 -4.22
C LEU B 161 18.39 38.71 -3.79
N SER B 162 19.46 39.51 -3.87
CA SER B 162 19.38 40.93 -3.49
C SER B 162 18.44 41.67 -4.46
N GLU B 163 17.98 40.91 -5.45
CA GLU B 163 17.07 41.42 -6.45
C GLU B 163 15.63 41.05 -6.09
N LYS B 164 15.34 39.78 -5.79
CA LYS B 164 13.97 39.42 -5.44
C LYS B 164 13.61 39.85 -4.02
N ALA B 165 14.44 40.71 -3.44
CA ALA B 165 14.23 41.22 -2.10
C ALA B 165 13.25 42.39 -2.12
N LYS B 166 13.68 43.51 -2.73
CA LYS B 166 12.90 44.73 -2.82
C LYS B 166 11.37 44.69 -3.05
N PRO B 167 10.88 43.82 -3.95
CA PRO B 167 9.42 43.81 -4.14
C PRO B 167 8.65 43.53 -2.87
N ALA B 168 9.01 42.43 -2.21
CA ALA B 168 8.35 42.03 -0.99
C ALA B 168 8.29 43.18 0.01
N LEU B 169 9.35 43.98 0.05
CA LEU B 169 9.41 45.11 0.96
C LEU B 169 8.27 46.08 0.70
N GLU B 170 7.98 46.29 -0.58
CA GLU B 170 6.92 47.20 -0.96
C GLU B 170 5.64 46.53 -0.55
N ASP B 171 5.58 45.23 -0.80
CA ASP B 171 4.42 44.43 -0.43
C ASP B 171 4.27 44.52 1.07
N LEU B 172 5.40 44.64 1.77
CA LEU B 172 5.41 44.75 3.22
C LEU B 172 4.66 46.00 3.53
N ARG B 173 5.21 47.12 3.06
CA ARG B 173 4.63 48.42 3.27
C ARG B 173 3.11 48.34 3.10
N GLN B 174 2.71 47.88 1.93
CA GLN B 174 1.31 47.74 1.53
C GLN B 174 0.46 47.00 2.58
N GLY B 175 0.82 45.76 2.86
CA GLY B 175 0.08 44.94 3.82
C GLY B 175 -0.10 45.58 5.18
N LEU B 176 0.82 46.48 5.51
CA LEU B 176 0.79 47.19 6.77
C LEU B 176 -0.26 48.26 6.74
N LEU B 177 -0.18 49.11 5.71
CA LEU B 177 -1.07 50.23 5.50
C LEU B 177 -2.54 50.03 5.76
N PRO B 178 -3.23 51.11 6.14
CA PRO B 178 -4.66 51.22 6.47
C PRO B 178 -5.61 50.67 5.40
N VAL B 179 -6.87 50.56 5.78
CA VAL B 179 -7.94 50.07 4.90
C VAL B 179 -9.20 50.93 5.07
N LEU B 180 -9.38 51.89 4.16
CA LEU B 180 -10.54 52.79 4.18
C LEU B 180 -11.75 52.01 3.67
N GLU B 181 -12.10 50.93 4.35
CA GLU B 181 -13.20 50.08 3.93
C GLU B 181 -14.46 50.80 3.48
N SER B 182 -14.68 50.75 2.17
CA SER B 182 -15.84 51.38 1.55
C SER B 182 -17.09 50.77 2.16
N PHE B 183 -18.10 51.60 2.40
CA PHE B 183 -19.29 51.05 2.98
C PHE B 183 -20.62 51.28 2.28
N LYS B 184 -21.25 50.15 2.00
CA LYS B 184 -22.55 50.08 1.33
C LYS B 184 -23.55 49.68 2.40
N VAL B 185 -24.21 48.55 2.19
CA VAL B 185 -25.17 47.97 3.11
C VAL B 185 -25.62 46.72 2.44
N SER B 186 -26.03 45.74 3.22
CA SER B 186 -26.47 44.52 2.63
C SER B 186 -27.61 44.92 1.70
N PHE B 187 -28.41 45.88 2.15
CA PHE B 187 -29.58 46.39 1.42
C PHE B 187 -29.17 46.85 0.06
N LEU B 188 -28.09 47.61 0.02
CA LEU B 188 -27.62 48.08 -1.24
C LEU B 188 -27.08 46.91 -2.01
N SER B 189 -26.20 46.15 -1.37
CA SER B 189 -25.60 44.97 -1.95
C SER B 189 -26.71 44.10 -2.51
N ALA B 190 -27.84 44.14 -1.82
CA ALA B 190 -29.00 43.35 -2.18
C ALA B 190 -29.54 43.80 -3.52
N LEU B 191 -29.68 45.10 -3.68
CA LEU B 191 -30.17 45.64 -4.92
C LEU B 191 -29.24 45.26 -6.04
N GLU B 192 -27.96 45.54 -5.86
CA GLU B 192 -26.95 45.22 -6.86
C GLU B 192 -27.20 43.80 -7.34
N GLU B 193 -26.96 42.86 -6.44
CA GLU B 193 -27.13 41.44 -6.67
C GLU B 193 -28.49 41.13 -7.28
N TYR B 194 -29.50 41.83 -6.79
CA TYR B 194 -30.86 41.63 -7.25
C TYR B 194 -31.04 41.89 -8.73
N THR B 195 -31.00 43.16 -9.09
CA THR B 195 -31.15 43.59 -10.46
C THR B 195 -30.23 42.80 -11.37
N LYS B 196 -29.13 42.34 -10.80
CA LYS B 196 -28.16 41.54 -11.53
C LYS B 196 -28.84 40.31 -12.11
N LYS B 197 -29.72 39.72 -11.32
CA LYS B 197 -30.45 38.50 -11.69
C LYS B 197 -31.72 38.75 -12.50
N LEU B 198 -32.09 40.01 -12.68
CA LEU B 198 -33.30 40.33 -13.42
C LEU B 198 -33.16 40.48 -14.94
N ASN B 199 -31.94 40.39 -15.44
CA ASN B 199 -31.72 40.54 -16.87
C ASN B 199 -30.89 39.37 -17.43
N THR B 200 -31.37 38.16 -17.16
CA THR B 200 -30.73 36.90 -17.56
C THR B 200 -31.07 36.33 -18.94
N GLN B 201 -32.26 35.73 -19.03
CA GLN B 201 -32.72 35.10 -20.26
C GLN B 201 -33.68 36.01 -21.05
N MET C 1 7.82 -40.79 22.71
CA MET C 1 7.23 -39.44 22.94
C MET C 1 5.99 -39.22 22.07
N LEU C 2 4.86 -39.78 22.49
CA LEU C 2 3.62 -39.67 21.74
C LEU C 2 3.21 -38.27 21.36
N LYS C 3 3.28 -37.99 20.07
CA LYS C 3 2.90 -36.70 19.57
C LYS C 3 1.41 -36.65 19.37
N LEU C 4 0.71 -36.36 20.46
CA LEU C 4 -0.74 -36.26 20.45
C LEU C 4 -1.08 -34.87 19.95
N LEU C 5 -0.04 -34.03 19.88
CA LEU C 5 -0.11 -32.65 19.45
C LEU C 5 -0.61 -32.50 18.02
N ASP C 6 -1.04 -33.63 17.44
CA ASP C 6 -1.57 -33.64 16.09
C ASP C 6 -3.03 -33.26 16.19
N ASN C 7 -3.41 -32.61 17.28
CA ASN C 7 -4.78 -32.19 17.48
C ASN C 7 -5.29 -31.47 16.23
N TRP C 8 -4.36 -31.07 15.36
CA TRP C 8 -4.71 -30.43 14.11
C TRP C 8 -5.31 -31.54 13.25
N ASP C 9 -4.58 -32.65 13.10
CA ASP C 9 -5.03 -33.80 12.31
C ASP C 9 -6.48 -34.14 12.61
N SER C 10 -6.81 -34.11 13.89
CA SER C 10 -8.15 -34.39 14.33
C SER C 10 -9.15 -33.38 13.80
N VAL C 11 -8.82 -32.10 13.90
CA VAL C 11 -9.71 -31.06 13.45
C VAL C 11 -9.73 -30.80 11.95
N THR C 12 -8.55 -30.72 11.34
CA THR C 12 -8.39 -30.46 9.92
C THR C 12 -9.21 -31.41 9.04
N SER C 13 -8.83 -32.68 9.05
CA SER C 13 -9.49 -33.72 8.26
C SER C 13 -11.00 -33.76 8.46
N THR C 14 -11.44 -33.25 9.60
CA THR C 14 -12.85 -33.24 9.94
C THR C 14 -13.58 -31.95 9.57
N PHE C 15 -13.22 -30.89 10.27
CA PHE C 15 -13.83 -29.59 10.11
C PHE C 15 -13.46 -28.85 8.83
N SER C 16 -12.17 -28.71 8.58
CA SER C 16 -11.71 -27.98 7.39
C SER C 16 -12.32 -28.46 6.07
N LYS C 17 -12.42 -29.77 5.89
CA LYS C 17 -12.98 -30.30 4.64
C LYS C 17 -14.38 -29.77 4.36
N LEU C 18 -15.27 -29.90 5.33
CA LEU C 18 -16.64 -29.45 5.15
C LEU C 18 -16.77 -28.01 4.68
N ARG C 19 -15.87 -27.16 5.15
CA ARG C 19 -15.88 -25.74 4.78
C ARG C 19 -15.30 -25.46 3.41
N GLU C 20 -14.04 -25.84 3.22
CA GLU C 20 -13.35 -25.63 1.96
C GLU C 20 -14.04 -26.37 0.82
N GLN C 21 -14.56 -27.55 1.13
CA GLN C 21 -15.25 -28.36 0.14
C GLN C 21 -16.67 -27.89 -0.13
N LEU C 22 -17.16 -26.95 0.68
CA LEU C 22 -18.49 -26.42 0.45
C LEU C 22 -18.42 -25.12 -0.34
N GLY C 23 -17.23 -24.89 -0.90
CA GLY C 23 -16.99 -23.75 -1.73
C GLY C 23 -17.74 -23.82 -3.06
N PRO C 24 -18.14 -25.02 -3.54
CA PRO C 24 -18.87 -25.11 -4.81
C PRO C 24 -20.16 -24.31 -4.78
N VAL C 25 -20.45 -23.72 -3.63
CA VAL C 25 -21.62 -22.89 -3.43
C VAL C 25 -21.63 -21.71 -4.41
N THR C 26 -20.67 -20.80 -4.27
CA THR C 26 -20.58 -19.62 -5.13
C THR C 26 -20.34 -20.05 -6.58
N GLN C 27 -19.74 -21.22 -6.73
CA GLN C 27 -19.45 -21.80 -8.03
C GLN C 27 -20.77 -22.05 -8.76
N GLU C 28 -21.48 -23.10 -8.32
CA GLU C 28 -22.75 -23.47 -8.95
C GLU C 28 -23.85 -22.43 -8.79
N PHE C 29 -23.86 -21.73 -7.66
CA PHE C 29 -24.87 -20.72 -7.46
C PHE C 29 -24.52 -19.39 -8.08
N TRP C 30 -23.70 -18.62 -7.37
CA TRP C 30 -23.31 -17.29 -7.81
C TRP C 30 -23.02 -17.16 -9.29
N ASP C 31 -22.06 -17.93 -9.80
CA ASP C 31 -21.75 -17.82 -11.20
C ASP C 31 -22.88 -18.22 -12.13
N ASN C 32 -23.80 -19.07 -11.65
CA ASN C 32 -24.95 -19.45 -12.46
C ASN C 32 -25.92 -18.28 -12.41
N LEU C 33 -25.98 -17.66 -11.24
CA LEU C 33 -26.86 -16.52 -10.99
C LEU C 33 -26.44 -15.35 -11.84
N GLU C 34 -25.33 -14.73 -11.47
CA GLU C 34 -24.82 -13.58 -12.21
C GLU C 34 -24.80 -13.86 -13.72
N LYS C 35 -24.65 -15.13 -14.10
CA LYS C 35 -24.62 -15.54 -15.51
C LYS C 35 -26.00 -15.40 -16.14
N GLU C 36 -27.05 -15.70 -15.37
CA GLU C 36 -28.41 -15.56 -15.89
C GLU C 36 -28.95 -14.18 -15.59
N THR C 37 -28.69 -13.69 -14.38
CA THR C 37 -29.10 -12.37 -13.91
C THR C 37 -28.70 -11.29 -14.91
N GLU C 38 -27.43 -10.92 -14.89
CA GLU C 38 -26.92 -9.90 -15.81
C GLU C 38 -27.07 -10.44 -17.25
N GLY C 39 -27.08 -11.76 -17.40
CA GLY C 39 -27.22 -12.40 -18.71
C GLY C 39 -28.56 -12.16 -19.39
N LEU C 40 -29.59 -11.92 -18.58
CA LEU C 40 -30.91 -11.63 -19.11
C LEU C 40 -31.09 -10.13 -19.04
N ARG C 41 -30.32 -9.50 -18.15
CA ARG C 41 -30.33 -8.05 -17.98
C ARG C 41 -29.78 -7.40 -19.23
N GLN C 42 -28.93 -8.14 -19.93
CA GLN C 42 -28.31 -7.68 -21.18
C GLN C 42 -29.31 -7.86 -22.33
N GLU C 43 -30.05 -8.96 -22.28
CA GLU C 43 -31.04 -9.25 -23.30
C GLU C 43 -32.15 -8.20 -23.21
N MET C 44 -32.45 -7.79 -21.99
CA MET C 44 -33.50 -6.79 -21.76
C MET C 44 -33.09 -5.39 -22.11
N SER C 45 -31.89 -4.99 -21.70
CA SER C 45 -31.43 -3.65 -22.02
C SER C 45 -31.35 -3.50 -23.52
N LYS C 46 -31.09 -4.61 -24.22
CA LYS C 46 -31.02 -4.57 -25.68
C LYS C 46 -32.42 -4.74 -26.25
N ASP C 47 -33.27 -5.44 -25.53
CA ASP C 47 -34.66 -5.65 -25.96
C ASP C 47 -35.41 -4.32 -25.84
N LEU C 48 -35.02 -3.54 -24.84
CA LEU C 48 -35.62 -2.24 -24.55
C LEU C 48 -35.21 -1.19 -25.58
N GLU C 49 -33.96 -1.28 -26.01
CA GLU C 49 -33.42 -0.33 -26.98
C GLU C 49 -34.36 -0.14 -28.15
N GLU C 50 -34.61 -1.23 -28.88
CA GLU C 50 -35.50 -1.22 -30.05
C GLU C 50 -36.76 -0.44 -29.73
N VAL C 51 -37.26 -0.67 -28.54
CA VAL C 51 -38.46 0.00 -28.08
C VAL C 51 -38.19 1.48 -28.09
N LYS C 52 -37.28 1.91 -27.23
CA LYS C 52 -36.92 3.30 -27.15
C LYS C 52 -36.60 3.83 -28.55
N ALA C 53 -36.17 2.94 -29.44
CA ALA C 53 -35.81 3.30 -30.81
C ALA C 53 -37.04 3.50 -31.67
N LYS C 54 -38.02 2.62 -31.51
CA LYS C 54 -39.23 2.71 -32.29
C LYS C 54 -40.13 3.83 -31.80
N VAL C 55 -39.65 4.57 -30.81
CA VAL C 55 -40.45 5.64 -30.24
C VAL C 55 -39.80 6.98 -30.22
N GLN C 56 -38.50 6.98 -29.90
CA GLN C 56 -37.76 8.22 -29.81
C GLN C 56 -38.24 9.30 -30.77
N PRO C 57 -38.06 9.08 -32.08
CA PRO C 57 -38.51 10.09 -33.05
C PRO C 57 -39.94 10.50 -32.79
N TYR C 58 -40.78 9.53 -32.44
CA TYR C 58 -42.13 9.87 -32.17
C TYR C 58 -42.15 10.83 -30.99
N LEU C 59 -41.65 10.37 -29.86
CA LEU C 59 -41.59 11.18 -28.66
C LEU C 59 -41.05 12.54 -29.04
N ASP C 60 -39.90 12.51 -29.71
CA ASP C 60 -39.20 13.68 -30.17
C ASP C 60 -40.20 14.75 -30.50
N ASP C 61 -41.22 14.35 -31.26
CA ASP C 61 -42.28 15.22 -31.67
C ASP C 61 -42.64 16.12 -30.50
N PHE C 62 -42.96 15.47 -29.39
CA PHE C 62 -43.31 16.21 -28.21
C PHE C 62 -42.35 17.29 -27.75
N GLN C 63 -41.05 17.04 -27.83
CA GLN C 63 -40.08 18.05 -27.40
C GLN C 63 -40.35 19.38 -28.08
N LYS C 64 -40.55 19.35 -29.39
CA LYS C 64 -40.84 20.57 -30.13
C LYS C 64 -42.17 21.09 -29.64
N LYS C 65 -43.02 20.19 -29.16
CA LYS C 65 -44.32 20.59 -28.65
C LYS C 65 -44.12 21.47 -27.42
N TRP C 66 -43.19 21.11 -26.55
CA TRP C 66 -42.93 21.90 -25.34
C TRP C 66 -42.35 23.23 -25.79
N GLN C 67 -41.42 23.15 -26.73
CA GLN C 67 -40.75 24.32 -27.30
C GLN C 67 -41.77 25.32 -27.81
N GLU C 68 -42.90 24.81 -28.26
CA GLU C 68 -43.97 25.62 -28.81
C GLU C 68 -44.64 26.49 -27.75
N GLU C 69 -45.13 25.86 -26.71
CA GLU C 69 -45.80 26.57 -25.64
C GLU C 69 -44.83 27.54 -24.98
N MET C 70 -43.64 27.03 -24.73
CA MET C 70 -42.58 27.78 -24.07
C MET C 70 -42.39 29.22 -24.54
N GLU C 71 -41.99 29.39 -25.80
CA GLU C 71 -41.75 30.72 -26.36
C GLU C 71 -42.91 31.68 -26.13
N LEU C 72 -44.13 31.21 -26.37
CA LEU C 72 -45.32 32.02 -26.20
C LEU C 72 -45.39 32.67 -24.82
N TYR C 73 -45.12 31.87 -23.79
CA TYR C 73 -45.14 32.36 -22.43
C TYR C 73 -43.96 33.30 -22.27
N ARG C 74 -42.81 32.84 -22.75
CA ARG C 74 -41.58 33.60 -22.72
C ARG C 74 -41.87 34.97 -23.35
N GLN C 75 -42.97 35.03 -24.09
CA GLN C 75 -43.38 36.27 -24.75
C GLN C 75 -44.28 37.17 -23.96
N LYS C 76 -45.43 36.65 -23.56
CA LYS C 76 -46.38 37.44 -22.79
C LYS C 76 -45.72 38.05 -21.57
N VAL C 77 -44.82 37.28 -20.98
CA VAL C 77 -44.13 37.72 -19.80
C VAL C 77 -43.02 38.72 -20.08
N GLU C 78 -42.34 38.54 -21.21
CA GLU C 78 -41.25 39.42 -21.61
C GLU C 78 -41.37 40.91 -21.30
N PRO C 79 -42.56 41.51 -21.52
CA PRO C 79 -42.84 42.94 -21.28
C PRO C 79 -42.82 43.36 -19.81
N LEU C 80 -43.36 42.47 -19.00
CA LEU C 80 -43.46 42.68 -17.57
C LEU C 80 -42.05 42.79 -17.04
N ARG C 81 -41.14 42.13 -17.74
CA ARG C 81 -39.73 42.14 -17.40
C ARG C 81 -39.20 43.56 -17.36
N ALA C 82 -39.22 44.26 -18.49
CA ALA C 82 -38.72 45.64 -18.60
C ALA C 82 -39.31 46.56 -17.55
N GLU C 83 -40.59 46.36 -17.29
CA GLU C 83 -41.32 47.13 -16.31
C GLU C 83 -40.65 46.97 -14.95
N LEU C 84 -40.09 45.79 -14.73
CA LEU C 84 -39.41 45.48 -13.50
C LEU C 84 -37.92 45.65 -13.69
N GLN C 85 -37.49 45.47 -14.93
CA GLN C 85 -36.09 45.56 -15.29
C GLN C 85 -35.61 46.97 -15.12
N GLU C 86 -35.97 47.82 -16.06
CA GLU C 86 -35.57 49.21 -15.97
C GLU C 86 -36.28 49.83 -14.76
N GLY C 87 -37.48 49.32 -14.47
CA GLY C 87 -38.26 49.80 -13.34
C GLY C 87 -37.51 49.82 -12.02
N ALA C 88 -36.65 48.83 -11.83
CA ALA C 88 -35.86 48.74 -10.61
C ALA C 88 -34.60 49.59 -10.73
N ARG C 89 -33.83 49.34 -11.79
CA ARG C 89 -32.58 50.04 -12.10
C ARG C 89 -32.62 51.48 -11.64
N GLN C 90 -33.75 52.11 -11.95
CA GLN C 90 -34.00 53.50 -11.60
C GLN C 90 -33.92 53.81 -10.14
N LYS C 91 -34.82 53.22 -9.37
CA LYS C 91 -34.83 53.47 -7.94
C LYS C 91 -33.48 53.19 -7.32
N LEU C 92 -32.74 52.27 -7.94
CA LEU C 92 -31.43 51.92 -7.44
C LEU C 92 -30.45 52.99 -7.86
N HIS C 93 -30.60 53.44 -9.10
CA HIS C 93 -29.76 54.50 -9.66
C HIS C 93 -29.81 55.73 -8.76
N GLU C 94 -31.02 56.26 -8.60
CA GLU C 94 -31.26 57.45 -7.78
C GLU C 94 -30.53 57.27 -6.47
N LEU C 95 -30.88 56.19 -5.79
CA LEU C 95 -30.33 55.87 -4.52
C LEU C 95 -28.87 56.17 -4.40
N GLN C 96 -28.06 55.46 -5.17
CA GLN C 96 -26.62 55.65 -5.11
C GLN C 96 -26.30 57.13 -5.21
N GLU C 97 -26.98 57.85 -6.09
CA GLU C 97 -26.70 59.29 -6.18
C GLU C 97 -27.17 60.00 -4.92
N LYS C 98 -28.23 59.51 -4.28
CA LYS C 98 -28.66 60.15 -3.07
C LYS C 98 -27.83 59.62 -1.94
N LEU C 99 -26.83 58.80 -2.28
CA LEU C 99 -25.96 58.24 -1.28
C LEU C 99 -24.58 58.82 -1.30
N SER C 100 -24.37 59.81 -2.14
CA SER C 100 -23.09 60.48 -2.18
C SER C 100 -22.87 61.41 -0.98
N PRO C 101 -23.96 61.79 -0.25
CA PRO C 101 -23.79 62.66 0.92
C PRO C 101 -22.87 61.97 1.92
N LEU C 102 -23.01 60.65 1.93
CA LEU C 102 -22.25 59.77 2.78
C LEU C 102 -20.77 59.93 2.46
N GLY C 103 -20.49 60.44 1.26
CA GLY C 103 -19.13 60.69 0.83
C GLY C 103 -18.47 61.70 1.75
N GLU C 104 -18.77 62.98 1.57
CA GLU C 104 -18.20 64.04 2.43
C GLU C 104 -18.45 63.70 3.90
N GLU C 105 -19.54 63.00 4.18
CA GLU C 105 -19.86 62.65 5.56
C GLU C 105 -18.91 61.57 6.08
N MET C 106 -19.23 60.33 5.75
CA MET C 106 -18.45 59.17 6.12
C MET C 106 -16.98 59.51 5.97
N ARG C 107 -16.55 59.68 4.73
CA ARG C 107 -15.15 59.98 4.42
C ARG C 107 -14.52 61.11 5.23
N ASP C 108 -14.92 62.35 4.99
CA ASP C 108 -14.33 63.45 5.73
C ASP C 108 -14.38 63.22 7.23
N ARG C 109 -15.36 62.46 7.69
CA ARG C 109 -15.45 62.16 9.11
C ARG C 109 -14.39 61.17 9.55
N ALA C 110 -14.37 60.03 8.86
CA ALA C 110 -13.43 58.95 9.15
C ALA C 110 -12.01 59.38 8.92
N ARG C 111 -11.80 59.87 7.70
CA ARG C 111 -10.53 60.40 7.22
C ARG C 111 -9.52 60.46 8.34
N ALA C 112 -9.76 61.41 9.22
CA ALA C 112 -8.89 61.66 10.34
C ALA C 112 -8.51 60.42 11.13
N HIS C 113 -9.46 59.87 11.87
CA HIS C 113 -9.18 58.70 12.67
C HIS C 113 -8.42 57.66 11.89
N VAL C 114 -8.76 57.52 10.61
CA VAL C 114 -8.10 56.57 9.74
C VAL C 114 -6.62 56.83 9.75
N ASP C 115 -6.28 58.06 9.43
CA ASP C 115 -4.91 58.52 9.36
C ASP C 115 -4.13 58.23 10.64
N ALA C 116 -4.80 58.31 11.78
CA ALA C 116 -4.17 58.06 13.07
C ALA C 116 -3.21 56.91 12.96
N LEU C 117 -3.69 55.82 12.38
CA LEU C 117 -2.86 54.66 12.24
C LEU C 117 -1.76 54.89 11.24
N ARG C 118 -2.05 55.58 10.14
CA ARG C 118 -1.04 55.89 9.12
C ARG C 118 0.21 56.28 9.87
N THR C 119 0.01 57.11 10.88
CA THR C 119 1.07 57.60 11.71
C THR C 119 1.45 56.65 12.82
N HIS C 120 0.47 55.97 13.38
CA HIS C 120 0.75 55.03 14.46
C HIS C 120 1.40 53.79 13.90
N LEU C 121 1.50 53.73 12.58
CA LEU C 121 2.09 52.59 11.89
C LEU C 121 3.45 52.87 11.35
N ALA C 122 3.49 53.84 10.44
CA ALA C 122 4.69 54.28 9.72
C ALA C 122 6.04 53.91 10.34
N PRO C 123 6.21 54.19 11.65
CA PRO C 123 7.47 53.85 12.30
C PRO C 123 7.77 52.37 12.21
N TYR C 124 6.77 51.56 12.52
CA TYR C 124 6.94 50.12 12.49
C TYR C 124 7.33 49.60 11.14
N SER C 125 6.72 50.13 10.09
CA SER C 125 7.08 49.72 8.74
C SER C 125 8.57 49.91 8.71
N ASP C 126 8.96 51.17 8.92
CA ASP C 126 10.37 51.56 8.94
C ASP C 126 11.20 50.63 9.81
N GLU C 127 10.65 50.26 10.97
CA GLU C 127 11.36 49.42 11.92
C GLU C 127 11.61 48.03 11.36
N LEU C 128 10.58 47.46 10.75
CA LEU C 128 10.69 46.13 10.19
C LEU C 128 11.46 46.07 8.91
N ARG C 129 11.24 47.07 8.09
CA ARG C 129 11.93 47.17 6.82
C ARG C 129 13.43 47.04 7.12
N GLN C 130 13.92 47.89 8.01
CA GLN C 130 15.31 47.92 8.41
C GLN C 130 15.74 46.58 9.00
N ARG C 131 14.77 45.88 9.58
CA ARG C 131 15.01 44.57 10.19
C ARG C 131 15.00 43.41 9.21
N LEU C 132 13.82 43.04 8.72
CA LEU C 132 13.70 41.92 7.79
C LEU C 132 14.64 41.96 6.59
N ALA C 133 14.86 43.14 6.05
CA ALA C 133 15.75 43.28 4.90
C ALA C 133 17.14 42.72 5.20
N ALA C 134 17.77 43.23 6.26
CA ALA C 134 19.09 42.77 6.65
C ALA C 134 19.11 41.28 6.92
N ARG C 135 17.96 40.75 7.31
CA ARG C 135 17.83 39.32 7.58
C ARG C 135 18.23 38.55 6.34
N LEU C 136 17.81 39.06 5.18
CA LEU C 136 18.12 38.39 3.94
C LEU C 136 19.53 38.60 3.48
N GLU C 137 20.15 39.68 3.93
CA GLU C 137 21.54 39.91 3.58
C GLU C 137 22.33 38.78 4.26
N ALA C 138 21.82 38.35 5.41
CA ALA C 138 22.45 37.28 6.15
C ALA C 138 22.27 35.98 5.37
N LEU C 139 21.31 35.96 4.46
CA LEU C 139 21.09 34.77 3.66
C LEU C 139 22.14 34.61 2.59
N LYS C 140 22.36 35.66 1.80
CA LYS C 140 23.36 35.64 0.74
C LYS C 140 24.73 35.39 1.35
N GLU C 141 25.10 36.25 2.31
CA GLU C 141 26.36 36.15 3.01
C GLU C 141 26.53 34.75 3.61
N ASN C 142 25.45 34.20 4.18
CA ASN C 142 25.53 32.86 4.75
C ASN C 142 25.52 31.78 3.70
N GLY C 143 24.93 32.07 2.55
CA GLY C 143 24.90 31.10 1.47
C GLY C 143 26.35 30.86 1.05
N GLY C 144 27.13 31.94 1.06
CA GLY C 144 28.54 31.86 0.70
C GLY C 144 29.34 31.03 1.67
N ALA C 145 28.94 31.05 2.94
CA ALA C 145 29.62 30.28 3.97
C ALA C 145 29.52 28.80 3.66
N ARG C 146 28.29 28.32 3.50
CA ARG C 146 28.04 26.92 3.20
C ARG C 146 28.68 26.51 1.89
N LEU C 147 28.46 27.30 0.85
CA LEU C 147 29.03 27.00 -0.46
C LEU C 147 30.53 26.84 -0.31
N ALA C 148 31.15 27.79 0.36
CA ALA C 148 32.59 27.76 0.56
C ALA C 148 33.00 26.52 1.35
N GLU C 149 32.19 26.20 2.35
CA GLU C 149 32.43 25.04 3.21
C GLU C 149 32.21 23.77 2.40
N TYR C 150 31.32 23.86 1.42
CA TYR C 150 31.00 22.73 0.57
C TYR C 150 32.06 22.46 -0.46
N HIS C 151 32.26 23.41 -1.36
CA HIS C 151 33.25 23.28 -2.41
C HIS C 151 34.54 22.69 -1.85
N ALA C 152 34.95 23.21 -0.70
CA ALA C 152 36.15 22.74 -0.04
C ALA C 152 36.09 21.23 0.11
N LYS C 153 34.99 20.75 0.69
CA LYS C 153 34.81 19.32 0.89
C LYS C 153 34.75 18.53 -0.42
N ALA C 154 34.09 19.10 -1.43
CA ALA C 154 33.99 18.45 -2.72
C ALA C 154 35.39 18.20 -3.25
N THR C 155 36.16 19.27 -3.28
CA THR C 155 37.54 19.25 -3.76
C THR C 155 38.37 18.18 -3.06
N GLU C 156 38.32 18.19 -1.74
CA GLU C 156 39.04 17.23 -0.92
C GLU C 156 38.72 15.82 -1.36
N HIS C 157 37.43 15.56 -1.60
CA HIS C 157 36.99 14.24 -2.02
C HIS C 157 37.67 13.73 -3.25
N LEU C 158 37.80 14.61 -4.23
CA LEU C 158 38.42 14.24 -5.49
C LEU C 158 39.89 13.93 -5.30
N SER C 159 40.46 14.51 -4.25
CA SER C 159 41.87 14.34 -3.95
C SER C 159 42.14 13.11 -3.07
N THR C 160 41.12 12.65 -2.35
CA THR C 160 41.26 11.48 -1.48
C THR C 160 41.40 10.22 -2.32
N LEU C 161 40.77 10.25 -3.49
CA LEU C 161 40.77 9.12 -4.42
C LEU C 161 42.17 8.63 -4.75
N SER C 162 43.08 9.58 -4.91
CA SER C 162 44.46 9.28 -5.23
C SER C 162 45.09 8.29 -4.24
N GLU C 163 44.78 8.47 -2.96
CA GLU C 163 45.30 7.58 -1.90
C GLU C 163 44.51 6.29 -1.75
N LYS C 164 43.26 6.29 -2.21
CA LYS C 164 42.39 5.14 -2.09
C LYS C 164 42.56 4.14 -3.23
N ALA C 165 42.43 4.65 -4.45
CA ALA C 165 42.55 3.83 -5.64
C ALA C 165 43.79 2.92 -5.55
N LYS C 166 44.89 3.48 -5.06
CA LYS C 166 46.18 2.78 -4.96
C LYS C 166 46.23 1.45 -4.19
N PRO C 167 45.90 1.44 -2.87
CA PRO C 167 45.95 0.16 -2.15
C PRO C 167 45.01 -0.88 -2.70
N ALA C 168 43.79 -0.46 -3.07
CA ALA C 168 42.79 -1.35 -3.61
C ALA C 168 43.32 -2.02 -4.87
N LEU C 169 44.16 -1.31 -5.61
CA LEU C 169 44.71 -1.83 -6.85
C LEU C 169 45.81 -2.89 -6.70
N GLU C 170 46.07 -3.32 -5.48
CA GLU C 170 47.05 -4.37 -5.31
C GLU C 170 46.27 -5.68 -5.36
N ASP C 171 44.95 -5.59 -5.11
CA ASP C 171 44.01 -6.73 -5.08
C ASP C 171 44.08 -7.66 -6.29
N LEU C 172 43.59 -7.21 -7.44
CA LEU C 172 43.59 -8.03 -8.65
C LEU C 172 44.97 -8.34 -9.25
N ARG C 173 45.84 -7.33 -9.36
CA ARG C 173 47.19 -7.48 -9.95
C ARG C 173 47.99 -8.62 -9.34
N GLN C 174 47.85 -8.77 -8.03
CA GLN C 174 48.54 -9.82 -7.32
C GLN C 174 47.59 -10.95 -6.95
N GLY C 175 46.28 -10.72 -7.01
CA GLY C 175 45.29 -11.75 -6.68
C GLY C 175 45.43 -13.00 -7.51
N LEU C 176 46.24 -12.89 -8.56
CA LEU C 176 46.53 -13.98 -9.47
C LEU C 176 47.73 -14.74 -8.91
N LEU C 177 48.16 -14.35 -7.70
CA LEU C 177 49.28 -14.95 -6.98
C LEU C 177 48.67 -15.67 -5.75
N PRO C 178 47.99 -14.95 -4.83
CA PRO C 178 47.43 -15.69 -3.70
C PRO C 178 46.06 -16.34 -3.90
N VAL C 179 45.83 -17.00 -5.03
CA VAL C 179 44.55 -17.69 -5.20
C VAL C 179 44.67 -18.98 -4.37
N LEU C 180 45.73 -19.02 -3.54
CA LEU C 180 46.04 -20.11 -2.61
C LEU C 180 44.74 -20.47 -1.93
N GLU C 181 44.60 -21.72 -1.53
CA GLU C 181 43.36 -22.14 -0.93
C GLU C 181 43.48 -22.84 0.42
N SER C 182 42.38 -23.46 0.86
CA SER C 182 42.39 -24.17 2.13
C SER C 182 42.62 -25.65 1.93
N PHE C 183 42.03 -26.20 0.86
CA PHE C 183 42.16 -27.61 0.54
C PHE C 183 42.11 -28.53 1.76
N LYS C 184 40.90 -28.90 2.15
CA LYS C 184 40.72 -29.80 3.29
C LYS C 184 40.72 -31.21 2.68
N VAL C 185 41.71 -32.01 3.06
CA VAL C 185 41.83 -33.40 2.58
C VAL C 185 40.46 -34.04 2.30
N SER C 186 39.52 -33.73 3.19
CA SER C 186 38.12 -34.17 3.18
C SER C 186 37.88 -35.24 4.24
N PHE C 187 38.04 -36.49 3.87
CA PHE C 187 37.86 -37.61 4.77
C PHE C 187 38.48 -37.36 6.16
N LEU C 188 39.69 -36.82 6.20
CA LEU C 188 40.34 -36.55 7.47
C LEU C 188 39.45 -35.64 8.29
N SER C 189 38.91 -34.63 7.63
CA SER C 189 38.03 -33.69 8.28
C SER C 189 36.92 -34.46 8.99
N ALA C 190 36.62 -35.66 8.49
CA ALA C 190 35.59 -36.50 9.11
C ALA C 190 36.05 -36.93 10.50
N LEU C 191 37.33 -37.27 10.62
CA LEU C 191 37.86 -37.67 11.90
C LEU C 191 37.83 -36.49 12.84
N GLU C 192 38.07 -35.31 12.27
CA GLU C 192 38.06 -34.07 13.03
C GLU C 192 36.78 -33.95 13.86
N GLU C 193 35.63 -34.27 13.24
CA GLU C 193 34.34 -34.21 13.92
C GLU C 193 34.18 -35.50 14.76
N TYR C 194 34.50 -36.62 14.11
CA TYR C 194 34.42 -37.96 14.69
C TYR C 194 34.84 -38.08 16.15
N THR C 195 36.14 -38.06 16.38
CA THR C 195 36.72 -38.18 17.70
C THR C 195 36.28 -37.11 18.70
N LYS C 196 35.73 -36.01 18.18
CA LYS C 196 35.27 -34.92 19.03
C LYS C 196 34.11 -35.34 19.90
N LYS C 197 33.08 -35.92 19.28
CA LYS C 197 31.90 -36.38 20.00
C LYS C 197 32.24 -37.39 21.08
N LEU C 198 33.26 -38.22 20.81
CA LEU C 198 33.70 -39.24 21.74
C LEU C 198 33.87 -38.71 23.17
N ASN C 199 34.16 -37.42 23.28
CA ASN C 199 34.34 -36.82 24.58
C ASN C 199 33.26 -35.80 24.93
N THR C 200 32.63 -35.18 23.94
CA THR C 200 31.57 -34.19 24.22
C THR C 200 30.29 -34.84 24.77
N GLN C 201 30.28 -36.17 24.82
CA GLN C 201 29.16 -36.93 25.38
C GLN C 201 29.70 -38.12 26.17
N MET D 1 39.15 -20.79 -10.88
CA MET D 1 37.73 -20.43 -11.19
C MET D 1 37.70 -19.14 -12.03
N LEU D 2 37.41 -18.03 -11.38
CA LEU D 2 37.37 -16.73 -12.02
C LEU D 2 38.04 -15.80 -11.04
N LYS D 3 39.33 -15.99 -10.78
CA LYS D 3 40.03 -15.13 -9.84
C LYS D 3 40.00 -13.70 -10.35
N LEU D 4 39.69 -13.55 -11.63
CA LEU D 4 39.61 -12.24 -12.26
C LEU D 4 38.24 -11.64 -11.94
N LEU D 5 37.32 -12.50 -11.51
CA LEU D 5 35.97 -12.07 -11.14
C LEU D 5 36.00 -10.80 -10.30
N ASP D 6 37.07 -10.64 -9.51
CA ASP D 6 37.21 -9.46 -8.65
C ASP D 6 37.44 -8.17 -9.44
N ASN D 7 37.24 -8.23 -10.75
CA ASN D 7 37.36 -7.06 -11.62
C ASN D 7 36.18 -6.13 -11.29
N TRP D 8 35.00 -6.73 -11.14
CA TRP D 8 33.78 -5.99 -10.81
C TRP D 8 33.89 -5.40 -9.40
N ASP D 9 34.72 -6.03 -8.56
CA ASP D 9 34.98 -5.58 -7.20
C ASP D 9 35.62 -4.19 -7.25
N SER D 10 36.56 -4.04 -8.19
CA SER D 10 37.30 -2.79 -8.37
C SER D 10 36.51 -1.70 -9.11
N VAL D 11 35.59 -2.12 -9.97
CA VAL D 11 34.77 -1.19 -10.73
C VAL D 11 33.79 -0.50 -9.78
N THR D 12 33.16 -1.31 -8.93
CA THR D 12 32.17 -0.84 -7.96
C THR D 12 32.70 0.03 -6.81
N SER D 13 33.71 -0.45 -6.09
CA SER D 13 34.28 0.31 -4.96
C SER D 13 35.07 1.55 -5.38
N THR D 14 35.05 1.87 -6.68
CA THR D 14 35.76 3.04 -7.19
C THR D 14 34.80 4.09 -7.75
N PHE D 15 34.09 3.75 -8.81
CA PHE D 15 33.16 4.67 -9.45
C PHE D 15 31.95 5.00 -8.62
N SER D 16 31.04 4.04 -8.51
CA SER D 16 29.82 4.23 -7.74
C SER D 16 30.10 4.58 -6.29
N LYS D 17 31.31 4.32 -5.82
CA LYS D 17 31.65 4.60 -4.43
C LYS D 17 31.76 6.08 -4.08
N LEU D 18 32.61 6.82 -4.80
CA LEU D 18 32.78 8.25 -4.51
C LEU D 18 31.45 8.98 -4.44
N ARG D 19 30.50 8.51 -5.23
CA ARG D 19 29.15 9.06 -5.29
C ARG D 19 28.52 9.14 -3.89
N GLU D 20 28.62 8.03 -3.16
CA GLU D 20 28.08 7.91 -1.82
C GLU D 20 28.81 8.87 -0.85
N GLN D 21 30.05 9.20 -1.19
CA GLN D 21 30.86 10.13 -0.40
C GLN D 21 30.27 11.53 -0.57
N LEU D 22 29.51 11.73 -1.66
CA LEU D 22 28.86 13.00 -1.95
C LEU D 22 27.44 13.07 -1.39
N GLY D 23 27.00 12.03 -0.70
CA GLY D 23 25.69 12.06 -0.08
C GLY D 23 25.66 13.30 0.79
N PRO D 24 26.81 13.66 1.41
CA PRO D 24 26.95 14.84 2.27
C PRO D 24 26.54 16.10 1.54
N VAL D 25 26.31 15.98 0.24
CA VAL D 25 25.83 17.09 -0.56
C VAL D 25 24.53 17.43 0.15
N THR D 26 23.72 16.39 0.33
CA THR D 26 22.43 16.48 1.00
C THR D 26 22.61 16.72 2.51
N GLN D 27 23.79 16.40 3.04
CA GLN D 27 24.12 16.57 4.47
C GLN D 27 24.52 17.98 4.86
N GLU D 28 25.50 18.52 4.16
CA GLU D 28 26.02 19.85 4.43
C GLU D 28 25.25 20.95 3.73
N PHE D 29 25.04 20.78 2.43
CA PHE D 29 24.33 21.78 1.65
C PHE D 29 22.83 21.89 1.95
N TRP D 30 22.02 21.00 1.37
CA TRP D 30 20.56 21.04 1.57
C TRP D 30 20.15 21.01 3.03
N ASP D 31 20.90 20.31 3.86
CA ASP D 31 20.57 20.23 5.27
C ASP D 31 20.78 21.59 5.92
N ASN D 32 21.95 22.18 5.70
CA ASN D 32 22.26 23.50 6.24
C ASN D 32 21.39 24.53 5.52
N LEU D 33 20.99 24.18 4.30
CA LEU D 33 20.16 25.02 3.46
C LEU D 33 18.86 25.19 4.19
N GLU D 34 18.13 24.09 4.28
CA GLU D 34 16.84 24.02 4.95
C GLU D 34 16.95 24.54 6.38
N LYS D 35 18.05 24.19 7.06
CA LYS D 35 18.29 24.58 8.44
C LYS D 35 18.17 26.07 8.71
N GLU D 36 18.96 26.88 8.01
CA GLU D 36 18.86 28.30 8.21
C GLU D 36 17.60 28.84 7.56
N THR D 37 17.42 28.56 6.27
CA THR D 37 16.26 29.01 5.50
C THR D 37 14.98 29.08 6.34
N GLU D 38 14.44 27.92 6.69
CA GLU D 38 13.22 27.89 7.50
C GLU D 38 13.54 28.24 8.94
N GLY D 39 14.80 28.05 9.33
CA GLY D 39 15.22 28.34 10.69
C GLY D 39 15.18 29.81 11.05
N LEU D 40 15.50 30.67 10.09
CA LEU D 40 15.51 32.09 10.32
C LEU D 40 14.09 32.54 10.09
N ARG D 41 13.45 31.83 9.17
CA ARG D 41 12.06 32.08 8.84
C ARG D 41 11.34 32.07 10.17
N GLN D 42 11.73 31.10 10.99
CA GLN D 42 11.18 30.95 12.33
C GLN D 42 11.43 32.23 13.12
N GLU D 43 12.68 32.70 13.12
CA GLU D 43 13.01 33.92 13.85
C GLU D 43 12.28 35.12 13.26
N MET D 44 11.92 35.02 11.98
CA MET D 44 11.22 36.10 11.32
C MET D 44 9.79 36.22 11.80
N SER D 45 8.99 35.20 11.48
CA SER D 45 7.58 35.15 11.85
C SER D 45 7.35 35.71 13.23
N LYS D 46 8.34 35.47 14.10
CA LYS D 46 8.31 35.94 15.47
C LYS D 46 7.79 37.38 15.53
N ASP D 47 8.40 38.24 14.73
CA ASP D 47 8.05 39.65 14.68
C ASP D 47 6.58 39.89 14.49
N LEU D 48 6.04 39.33 13.43
CA LEU D 48 4.63 39.51 13.12
C LEU D 48 3.77 39.35 14.36
N GLU D 49 4.06 38.32 15.16
CA GLU D 49 3.27 38.13 16.36
C GLU D 49 3.60 39.18 17.41
N GLU D 50 4.85 39.61 17.43
CA GLU D 50 5.28 40.63 18.39
C GLU D 50 4.59 41.93 18.10
N VAL D 51 4.93 42.47 16.94
CA VAL D 51 4.37 43.72 16.47
C VAL D 51 2.89 43.70 16.69
N LYS D 52 2.29 42.56 16.33
CA LYS D 52 0.87 42.31 16.45
C LYS D 52 0.41 42.87 17.77
N ALA D 53 1.11 42.49 18.82
CA ALA D 53 0.81 42.95 20.15
C ALA D 53 0.79 44.47 20.13
N LYS D 54 1.96 45.06 19.94
CA LYS D 54 2.12 46.51 19.91
C LYS D 54 1.18 47.22 18.95
N VAL D 55 0.61 46.45 18.02
CA VAL D 55 -0.30 46.97 17.02
C VAL D 55 -1.76 46.89 17.42
N GLN D 56 -2.11 45.78 18.04
CA GLN D 56 -3.47 45.54 18.46
C GLN D 56 -4.14 46.67 19.20
N PRO D 57 -3.48 47.24 20.20
CA PRO D 57 -4.04 48.34 20.97
C PRO D 57 -4.63 49.41 20.08
N TYR D 58 -3.83 49.85 19.13
CA TYR D 58 -4.26 50.89 18.22
C TYR D 58 -5.36 50.40 17.32
N LEU D 59 -5.13 49.27 16.67
CA LEU D 59 -6.13 48.72 15.79
C LEU D 59 -7.49 48.65 16.46
N ASP D 60 -7.50 48.19 17.70
CA ASP D 60 -8.73 48.06 18.45
C ASP D 60 -9.32 49.40 18.83
N ASP D 61 -8.48 50.30 19.35
CA ASP D 61 -8.88 51.65 19.75
C ASP D 61 -9.68 52.20 18.58
N PHE D 62 -9.14 51.93 17.42
CA PHE D 62 -9.68 52.35 16.17
C PHE D 62 -11.00 51.64 15.91
N GLN D 63 -10.94 50.32 15.95
CA GLN D 63 -12.09 49.49 15.71
C GLN D 63 -13.35 49.96 16.44
N LYS D 64 -13.24 50.09 17.76
CA LYS D 64 -14.35 50.53 18.62
C LYS D 64 -14.99 51.80 18.08
N LYS D 65 -14.14 52.67 17.52
CA LYS D 65 -14.60 53.93 16.98
C LYS D 65 -15.35 53.76 15.66
N TRP D 66 -14.72 53.15 14.66
CA TRP D 66 -15.32 52.95 13.34
C TRP D 66 -16.78 52.56 13.42
N GLN D 67 -17.07 51.65 14.33
CA GLN D 67 -18.42 51.20 14.53
C GLN D 67 -19.23 52.37 15.02
N GLU D 68 -18.75 53.01 16.08
CA GLU D 68 -19.40 54.17 16.66
C GLU D 68 -19.91 55.08 15.54
N GLU D 69 -19.12 55.20 14.47
CA GLU D 69 -19.52 56.05 13.36
C GLU D 69 -20.42 55.30 12.38
N MET D 70 -20.05 54.08 12.02
CA MET D 70 -20.85 53.31 11.09
C MET D 70 -22.30 53.36 11.47
N GLU D 71 -22.56 53.22 12.77
CA GLU D 71 -23.90 53.26 13.29
C GLU D 71 -24.57 54.53 12.85
N LEU D 72 -23.81 55.63 12.79
CA LEU D 72 -24.37 56.90 12.33
C LEU D 72 -24.95 56.64 10.95
N TYR D 73 -24.12 56.05 10.10
CA TYR D 73 -24.51 55.75 8.74
C TYR D 73 -25.84 55.00 8.75
N ARG D 74 -25.80 53.77 9.25
CA ARG D 74 -26.99 52.91 9.34
C ARG D 74 -28.27 53.62 9.68
N GLN D 75 -28.32 54.18 10.89
CA GLN D 75 -29.51 54.88 11.36
C GLN D 75 -30.00 55.97 10.46
N LYS D 76 -29.09 56.67 9.79
CA LYS D 76 -29.52 57.72 8.90
C LYS D 76 -30.04 57.15 7.59
N VAL D 77 -30.14 55.82 7.49
CA VAL D 77 -30.58 55.15 6.26
C VAL D 77 -31.91 54.42 6.34
N GLU D 78 -32.09 53.65 7.40
CA GLU D 78 -33.30 52.87 7.61
C GLU D 78 -34.59 53.34 6.97
N PRO D 79 -34.92 54.63 7.07
CA PRO D 79 -36.16 55.14 6.46
C PRO D 79 -36.34 54.77 5.00
N LEU D 80 -35.23 54.64 4.28
CA LEU D 80 -35.30 54.27 2.88
C LEU D 80 -35.77 52.84 2.73
N ARG D 81 -35.45 52.02 3.73
CA ARG D 81 -35.88 50.64 3.72
C ARG D 81 -37.40 50.63 3.62
N ALA D 82 -38.01 51.68 4.11
CA ALA D 82 -39.45 51.79 4.05
C ALA D 82 -39.88 52.32 2.70
N GLU D 83 -39.38 53.50 2.34
CA GLU D 83 -39.74 54.12 1.06
C GLU D 83 -39.61 53.13 -0.07
N LEU D 84 -38.70 52.18 0.10
CA LEU D 84 -38.49 51.18 -0.91
C LEU D 84 -39.31 49.92 -0.66
N GLN D 85 -39.28 49.43 0.57
CA GLN D 85 -39.99 48.20 0.93
C GLN D 85 -41.47 48.26 0.58
N GLU D 86 -42.04 49.45 0.71
CA GLU D 86 -43.45 49.70 0.40
C GLU D 86 -43.71 49.46 -1.09
N GLY D 87 -43.03 50.25 -1.93
CA GLY D 87 -43.19 50.15 -3.37
C GLY D 87 -42.96 48.73 -3.88
N ALA D 88 -42.07 48.01 -3.18
CA ALA D 88 -41.71 46.63 -3.51
C ALA D 88 -42.89 45.68 -3.35
N ARG D 89 -43.45 45.63 -2.14
CA ARG D 89 -44.60 44.77 -1.87
C ARG D 89 -45.76 45.08 -2.83
N GLN D 90 -45.87 46.34 -3.26
CA GLN D 90 -46.94 46.77 -4.16
C GLN D 90 -46.97 45.92 -5.42
N LYS D 91 -45.92 46.06 -6.23
CA LYS D 91 -45.83 45.31 -7.47
C LYS D 91 -45.85 43.80 -7.25
N LEU D 92 -45.47 43.37 -6.05
CA LEU D 92 -45.43 41.95 -5.70
C LEU D 92 -46.67 41.16 -6.14
N HIS D 93 -47.85 41.68 -5.86
CA HIS D 93 -49.07 40.99 -6.25
C HIS D 93 -49.47 41.32 -7.67
N GLU D 94 -49.01 42.47 -8.16
CA GLU D 94 -49.27 42.90 -9.53
C GLU D 94 -48.84 41.72 -10.40
N LEU D 95 -47.78 41.06 -9.97
CA LEU D 95 -47.22 39.94 -10.67
C LEU D 95 -47.64 38.60 -10.08
N GLN D 96 -47.86 38.54 -8.78
CA GLN D 96 -48.27 37.28 -8.16
C GLN D 96 -49.65 36.90 -8.65
N GLU D 97 -50.52 37.90 -8.74
CA GLU D 97 -51.88 37.68 -9.16
C GLU D 97 -52.20 37.97 -10.62
N LYS D 98 -51.40 38.80 -11.30
CA LYS D 98 -51.64 39.03 -12.73
C LYS D 98 -50.99 37.89 -13.47
N LEU D 99 -49.93 37.34 -12.89
CA LEU D 99 -49.22 36.22 -13.50
C LEU D 99 -49.90 34.91 -13.16
N SER D 100 -50.31 34.76 -11.91
CA SER D 100 -50.96 33.54 -11.43
C SER D 100 -51.85 32.83 -12.47
N PRO D 101 -52.72 33.57 -13.19
CA PRO D 101 -53.64 33.02 -14.21
C PRO D 101 -53.00 32.36 -15.43
N LEU D 102 -51.87 32.91 -15.84
CA LEU D 102 -51.17 32.40 -16.98
C LEU D 102 -50.38 31.15 -16.58
N GLY D 103 -50.01 31.08 -15.30
CA GLY D 103 -49.29 29.91 -14.83
C GLY D 103 -50.16 28.66 -14.90
N GLU D 104 -51.46 28.87 -15.03
CA GLU D 104 -52.41 27.76 -15.13
C GLU D 104 -52.61 27.50 -16.61
N GLU D 105 -52.64 28.61 -17.35
CA GLU D 105 -52.81 28.62 -18.78
C GLU D 105 -52.00 27.46 -19.34
N MET D 106 -50.70 27.48 -19.06
CA MET D 106 -49.85 26.42 -19.53
C MET D 106 -50.06 25.20 -18.68
N ARG D 107 -50.29 25.39 -17.38
CA ARG D 107 -50.49 24.28 -16.45
C ARG D 107 -51.36 23.25 -17.10
N ASP D 108 -52.29 23.72 -17.90
CA ASP D 108 -53.17 22.79 -18.58
C ASP D 108 -52.76 22.67 -20.03
N ARG D 109 -52.18 23.74 -20.59
CA ARG D 109 -51.74 23.73 -21.98
C ARG D 109 -50.77 22.60 -22.25
N ALA D 110 -50.03 22.20 -21.22
CA ALA D 110 -49.08 21.13 -21.36
C ALA D 110 -49.81 19.81 -21.17
N ARG D 111 -50.62 19.75 -20.13
CA ARG D 111 -51.38 18.56 -19.77
C ARG D 111 -51.94 17.81 -20.97
N ALA D 112 -52.50 18.53 -21.93
CA ALA D 112 -53.07 17.92 -23.12
C ALA D 112 -52.03 17.06 -23.83
N HIS D 113 -50.98 17.72 -24.33
CA HIS D 113 -49.90 17.08 -25.04
C HIS D 113 -49.53 15.79 -24.35
N VAL D 114 -49.43 15.89 -23.05
CA VAL D 114 -49.11 14.76 -22.22
C VAL D 114 -50.13 13.67 -22.43
N ASP D 115 -51.35 13.89 -21.95
CA ASP D 115 -52.42 12.92 -22.07
C ASP D 115 -52.44 12.34 -23.46
N ALA D 116 -51.97 13.14 -24.39
CA ALA D 116 -51.89 12.71 -25.76
C ALA D 116 -50.82 11.62 -25.81
N LEU D 117 -49.57 12.04 -25.63
CA LEU D 117 -48.46 11.11 -25.68
C LEU D 117 -48.65 9.93 -24.76
N ARG D 118 -49.37 10.15 -23.68
CA ARG D 118 -49.63 9.10 -22.70
C ARG D 118 -50.17 7.94 -23.48
N THR D 119 -51.25 8.24 -24.19
CA THR D 119 -51.91 7.27 -25.02
C THR D 119 -50.90 6.82 -26.05
N HIS D 120 -50.18 7.80 -26.60
CA HIS D 120 -49.20 7.51 -27.62
C HIS D 120 -48.13 6.51 -27.26
N LEU D 121 -47.84 6.37 -25.97
CA LEU D 121 -46.78 5.46 -25.57
C LEU D 121 -47.25 4.20 -24.93
N ALA D 122 -48.37 4.32 -24.25
CA ALA D 122 -49.01 3.21 -23.55
C ALA D 122 -48.73 1.85 -24.17
N PRO D 123 -48.94 1.71 -25.48
CA PRO D 123 -48.70 0.42 -26.12
C PRO D 123 -47.33 -0.15 -25.82
N TYR D 124 -46.33 0.66 -26.08
CA TYR D 124 -44.96 0.29 -25.87
C TYR D 124 -44.73 0.23 -24.38
N SER D 125 -45.19 1.27 -23.72
CA SER D 125 -45.11 1.39 -22.29
C SER D 125 -45.56 0.09 -21.65
N ASP D 126 -46.47 -0.61 -22.30
CA ASP D 126 -46.96 -1.85 -21.75
C ASP D 126 -46.31 -3.06 -22.40
N GLU D 127 -45.94 -2.94 -23.67
CA GLU D 127 -45.31 -4.04 -24.38
C GLU D 127 -44.15 -4.51 -23.54
N LEU D 128 -43.50 -3.56 -22.90
CA LEU D 128 -42.37 -3.86 -22.05
C LEU D 128 -42.85 -4.35 -20.71
N ARG D 129 -43.79 -3.64 -20.12
CA ARG D 129 -44.33 -4.01 -18.82
C ARG D 129 -44.59 -5.51 -18.76
N GLN D 130 -45.54 -5.98 -19.54
CA GLN D 130 -45.86 -7.40 -19.54
C GLN D 130 -44.70 -8.26 -20.05
N ARG D 131 -43.82 -7.68 -20.88
CA ARG D 131 -42.68 -8.42 -21.43
C ARG D 131 -41.71 -8.89 -20.34
N LEU D 132 -41.11 -7.95 -19.61
CA LEU D 132 -40.19 -8.36 -18.57
C LEU D 132 -40.91 -9.12 -17.47
N ALA D 133 -42.21 -8.89 -17.34
CA ALA D 133 -43.03 -9.55 -16.33
C ALA D 133 -42.89 -11.04 -16.44
N ALA D 134 -43.31 -11.55 -17.59
CA ALA D 134 -43.22 -12.98 -17.84
C ALA D 134 -41.75 -13.36 -17.92
N ARG D 135 -40.89 -12.45 -18.39
CA ARG D 135 -39.45 -12.70 -18.50
C ARG D 135 -38.83 -12.80 -17.12
N LEU D 136 -39.52 -12.24 -16.14
CA LEU D 136 -39.06 -12.26 -14.76
C LEU D 136 -39.43 -13.61 -14.17
N GLU D 137 -40.61 -14.10 -14.54
CA GLU D 137 -41.09 -15.38 -14.07
C GLU D 137 -40.13 -16.49 -14.41
N ALA D 138 -39.47 -16.37 -15.56
CA ALA D 138 -38.51 -17.36 -16.02
C ALA D 138 -37.35 -17.47 -15.04
N LEU D 139 -36.88 -16.31 -14.57
CA LEU D 139 -35.78 -16.28 -13.62
C LEU D 139 -36.17 -17.06 -12.37
N LYS D 140 -37.28 -16.68 -11.78
CA LYS D 140 -37.78 -17.32 -10.59
C LYS D 140 -37.93 -18.82 -10.85
N GLU D 141 -38.65 -19.12 -11.93
CA GLU D 141 -38.93 -20.48 -12.39
C GLU D 141 -37.68 -21.35 -12.57
N ASN D 142 -36.84 -21.01 -13.56
CA ASN D 142 -35.61 -21.76 -13.81
C ASN D 142 -34.59 -21.59 -12.68
N GLY D 143 -34.76 -20.53 -11.90
CA GLY D 143 -33.85 -20.27 -10.80
C GLY D 143 -33.90 -21.42 -9.82
N GLY D 144 -35.08 -21.64 -9.25
CA GLY D 144 -35.27 -22.71 -8.29
C GLY D 144 -34.71 -24.05 -8.76
N ALA D 145 -34.66 -24.22 -10.09
CA ALA D 145 -34.13 -25.43 -10.68
C ALA D 145 -32.68 -25.65 -10.27
N ARG D 146 -31.84 -24.65 -10.56
CA ARG D 146 -30.43 -24.72 -10.24
C ARG D 146 -30.20 -24.64 -8.74
N LEU D 147 -31.21 -24.19 -8.02
CA LEU D 147 -31.19 -24.10 -6.58
C LEU D 147 -31.13 -25.54 -6.10
N ALA D 148 -32.07 -26.32 -6.61
CA ALA D 148 -32.18 -27.74 -6.28
C ALA D 148 -30.84 -28.42 -6.44
N GLU D 149 -30.06 -27.95 -7.40
CA GLU D 149 -28.76 -28.52 -7.65
C GLU D 149 -27.85 -28.32 -6.45
N TYR D 150 -27.75 -27.08 -5.96
CA TYR D 150 -26.91 -26.84 -4.81
C TYR D 150 -27.38 -27.57 -3.56
N HIS D 151 -28.66 -27.95 -3.54
CA HIS D 151 -29.18 -28.70 -2.40
C HIS D 151 -28.80 -30.16 -2.59
N ALA D 152 -29.07 -30.66 -3.79
CA ALA D 152 -28.80 -32.03 -4.15
C ALA D 152 -27.32 -32.33 -4.02
N LYS D 153 -26.48 -31.36 -4.37
CA LYS D 153 -25.03 -31.54 -4.30
C LYS D 153 -24.54 -31.43 -2.86
N ALA D 154 -25.24 -30.63 -2.04
CA ALA D 154 -24.88 -30.45 -0.65
C ALA D 154 -25.29 -31.67 0.16
N THR D 155 -26.47 -32.19 -0.11
CA THR D 155 -26.98 -33.36 0.59
C THR D 155 -26.05 -34.55 0.37
N GLU D 156 -25.41 -34.59 -0.79
CA GLU D 156 -24.48 -35.66 -1.12
C GLU D 156 -23.11 -35.36 -0.50
N HIS D 157 -22.68 -34.11 -0.61
CA HIS D 157 -21.40 -33.71 -0.03
C HIS D 157 -21.50 -33.81 1.49
N LEU D 158 -22.73 -33.91 1.99
CA LEU D 158 -22.95 -34.06 3.42
C LEU D 158 -22.75 -35.51 3.82
N SER D 159 -23.37 -36.42 3.07
CA SER D 159 -23.25 -37.84 3.34
C SER D 159 -21.84 -38.40 3.11
N THR D 160 -21.01 -37.66 2.37
CA THR D 160 -19.62 -38.07 2.08
C THR D 160 -18.72 -37.88 3.31
N LEU D 161 -19.30 -37.32 4.37
CA LEU D 161 -18.60 -37.05 5.61
C LEU D 161 -18.48 -38.29 6.50
N SER D 162 -19.54 -39.10 6.55
CA SER D 162 -19.53 -40.33 7.36
C SER D 162 -18.50 -41.30 6.80
N GLU D 163 -17.91 -40.90 5.69
CA GLU D 163 -16.89 -41.68 5.01
C GLU D 163 -15.50 -41.18 5.40
N LYS D 164 -15.23 -39.88 5.32
CA LYS D 164 -13.89 -39.39 5.70
C LYS D 164 -13.72 -39.33 7.22
N ALA D 165 -14.63 -39.98 7.93
CA ALA D 165 -14.58 -40.04 9.38
C ALA D 165 -13.64 -41.14 9.84
N LYS D 166 -14.01 -42.39 9.58
CA LYS D 166 -13.24 -43.59 9.97
C LYS D 166 -11.70 -43.58 9.92
N PRO D 167 -11.09 -43.02 8.86
CA PRO D 167 -9.62 -43.05 8.85
C PRO D 167 -9.00 -42.36 10.04
N ALA D 168 -9.42 -41.12 10.28
CA ALA D 168 -8.90 -40.34 11.38
C ALA D 168 -8.98 -41.11 12.68
N LEU D 169 -10.03 -41.88 12.85
CA LEU D 169 -10.24 -42.66 14.06
C LEU D 169 -9.09 -43.64 14.26
N GLU D 170 -8.66 -44.24 13.15
CA GLU D 170 -7.57 -45.20 13.21
C GLU D 170 -6.34 -44.40 13.54
N ASP D 171 -6.22 -43.25 12.89
CA ASP D 171 -5.11 -42.35 13.13
C ASP D 171 -5.14 -41.97 14.59
N LEU D 172 -6.34 -41.88 15.15
CA LEU D 172 -6.53 -41.53 16.54
C LEU D 172 -5.85 -42.60 17.33
N ARG D 173 -6.36 -43.82 17.17
CA ARG D 173 -5.83 -44.97 17.85
C ARG D 173 -4.30 -44.92 17.84
N GLN D 174 -3.75 -44.85 16.64
CA GLN D 174 -2.31 -44.80 16.39
C GLN D 174 -1.57 -43.75 17.24
N GLY D 175 -1.95 -42.49 17.07
CA GLY D 175 -1.31 -41.40 17.81
C GLY D 175 -1.31 -41.57 19.30
N LEU D 176 -2.27 -42.35 19.80
CA LEU D 176 -2.41 -42.62 21.21
C LEU D 176 -1.38 -43.63 21.65
N LEU D 177 -1.36 -44.75 20.94
CA LEU D 177 -0.47 -45.87 21.20
C LEU D 177 0.96 -45.56 21.55
N PRO D 178 1.58 -46.45 22.34
CA PRO D 178 2.97 -46.42 22.84
C PRO D 178 4.04 -46.21 21.79
N VAL D 179 5.25 -45.96 22.26
CA VAL D 179 6.42 -45.76 21.40
C VAL D 179 7.64 -46.50 21.97
N LEU D 180 7.91 -47.68 21.45
CA LEU D 180 9.04 -48.51 21.89
C LEU D 180 10.32 -47.92 21.30
N GLU D 181 10.61 -46.66 21.64
CA GLU D 181 11.77 -45.96 21.11
C GLU D 181 13.05 -46.77 21.06
N SER D 182 13.44 -47.13 19.84
CA SER D 182 14.64 -47.90 19.59
C SER D 182 15.82 -47.10 20.12
N PHE D 183 16.78 -47.79 20.74
CA PHE D 183 17.91 -47.06 21.25
C PHE D 183 19.30 -47.47 20.82
N LYS D 184 19.99 -46.47 20.27
CA LYS D 184 21.36 -46.59 19.76
C LYS D 184 22.23 -45.85 20.77
N VAL D 185 22.93 -44.83 20.29
CA VAL D 185 23.79 -43.98 21.10
C VAL D 185 24.32 -42.98 20.11
N SER D 186 24.66 -41.80 20.61
CA SER D 186 25.20 -40.83 19.70
C SER D 186 26.43 -41.48 19.08
N PHE D 187 27.16 -42.22 19.91
CA PHE D 187 28.38 -42.91 19.52
C PHE D 187 28.14 -43.79 18.34
N LEU D 188 27.05 -44.54 18.41
CA LEU D 188 26.73 -45.40 17.33
C LEU D 188 26.31 -44.54 16.16
N SER D 189 25.37 -43.64 16.43
CA SER D 189 24.86 -42.71 15.44
C SER D 189 26.04 -42.05 14.77
N ALA D 190 27.09 -41.84 15.55
CA ALA D 190 28.30 -41.18 15.10
C ALA D 190 28.98 -42.01 14.04
N LEU D 191 29.12 -43.30 14.33
CA LEU D 191 29.75 -44.19 13.38
C LEU D 191 28.97 -44.21 12.10
N GLU D 192 27.66 -44.45 12.21
CA GLU D 192 26.78 -44.48 11.04
C GLU D 192 27.12 -43.29 10.17
N GLU D 193 26.79 -42.11 10.70
CA GLU D 193 27.00 -40.83 10.05
C GLU D 193 28.43 -40.71 9.54
N TYR D 194 29.37 -41.19 10.34
CA TYR D 194 30.78 -41.11 10.01
C TYR D 194 31.12 -41.83 8.72
N THR D 195 31.11 -43.15 8.78
CA THR D 195 31.42 -43.98 7.65
C THR D 195 30.62 -43.55 6.42
N LYS D 196 29.47 -42.95 6.69
CA LYS D 196 28.61 -42.45 5.63
C LYS D 196 29.37 -41.44 4.77
N LYS D 197 30.16 -40.61 5.44
CA LYS D 197 30.95 -39.56 4.80
C LYS D 197 32.31 -40.03 4.25
N LEU D 198 32.68 -41.27 4.53
CA LEU D 198 33.96 -41.78 4.08
C LEU D 198 34.00 -42.42 2.69
N ASN D 199 32.85 -42.52 2.04
CA ASN D 199 32.80 -43.10 0.71
C ASN D 199 32.06 -42.20 -0.29
N THR D 200 32.53 -40.95 -0.36
CA THR D 200 31.96 -39.89 -1.21
C THR D 200 32.47 -39.78 -2.65
N GLN D 201 33.68 -39.22 -2.78
CA GLN D 201 34.29 -39.01 -4.09
C GLN D 201 35.32 -40.09 -4.42
#